data_7BT2
#
_entry.id   7BT2
#
_cell.length_a   121.604
_cell.length_b   270.382
_cell.length_c   97.34
_cell.angle_alpha   90.0
_cell.angle_beta   90.0
_cell.angle_gamma   90.0
#
_symmetry.space_group_name_H-M   'C 2 2 21'
#
loop_
_entity.id
_entity.type
_entity.pdbx_description
1 polymer 'Sarcoplasmic/endoplasmic reticulum calcium ATPase 2'
2 non-polymer "ADENOSINE-5'-TRIPHOSPHATE"
3 non-polymer 'POTASSIUM ION'
4 non-polymer 1,2-DIOLEOYL-SN-GLYCERO-3-PHOSPHOCHOLINE
5 non-polymer (4S)-2-METHYL-2,4-PENTANEDIOL
6 water water
#
_entity_poly.entity_id   1
_entity_poly.type   'polypeptide(L)'
_entity_poly.pdbx_seq_one_letter_code
;MENAHTKTVEEVLGHFGVNESTGLSLEQVKKLKERWGSNELPAEEGKTLLELVIEQFEDLLVRILLLAACISFVLAWFEE
GEETITAFVEPFVILLILVANAIVGVWQERNAENAIEALKEYEPEMGKVYRQDRKSVQRIKAKDIVPGDIVEIAVGDKVP
ADIRLTSIKSTTLRVDQSILTGESVSVIKHTDPVPDPRAVNQDKKNMLFSGTNIAAGKAMGVVVATGVNTEIGKIRDEMV
ATEQERTPLQQKLDEFGEQLSKVISLICIAVWIINIGHFNDPVHGGSWIRGAIYYFKIAVALAVAAIPEGLPAVITTCLA
LGTRRMAKKNAIVRSLPSVETLGCTSVICSDKTGTLTTNQMSVCRMFILDRVEGDTCSLNEFTITGSTYAPIGEVHKDDK
PVNCHQYDGLVELATICALCNDSALDYNEAKGVYEKVGEATETALTCLVEKMNVFDTELKGLSKIERANACNSVIKQLMK
KEFTLEFSRDRKSMSVYCTPNKPSRTSMSKMFVKGAPEGVIDRCTHIRVGSTKVPMTSGVKQKIMSVIREWGSGSDTLRC
LALATHDNPLRREEMHLEDSANFIKYETNLTFVGCVGMLDPPRIEVASSVKLCRQAGIRVIMITGDNKGTAVAICRRIGI
FGQDEDVTSKAFTGREFDELNPSAQRDACLNARCFARVEPSHKSKIVEFLQSFDEITAMTGDGVNDAPALKKAEIGIAMG
SGTAVAKTASEMVLADDNFSTIVAAVEEGRAIYNNMKQFIRYLISSNVGEVVCIFLTAALGFPEALIPVQLLWVNLVTDG
LPATALGFNPPDLDIMNKPPRNPKEPLISGWLFFRYLAIGCYVGAATVGAAAWWFIAADGGPRVSFYQLSHFLQCKEDNP
DFEGVDCAIFESPYPMTMALSVLVTIEMCNALNSLSENQSLLRMPPWENIWLVGSICLSMSLHFLILYVEPLPLIFQITP
LNVTQWLMVLKISLPVILMDETLKFVARNYLEPAILE
;
_entity_poly.pdbx_strand_id   A
#
# COMPACT_ATOMS: atom_id res chain seq x y z
N MET A 1 25.07 -15.53 23.54
CA MET A 1 26.34 -16.17 23.20
C MET A 1 27.32 -15.14 22.64
N GLU A 2 28.60 -15.52 22.58
CA GLU A 2 29.65 -14.58 22.18
C GLU A 2 30.12 -14.82 20.73
N ASN A 3 30.66 -16.00 20.52
CA ASN A 3 31.27 -16.44 19.27
C ASN A 3 30.46 -17.39 18.38
N ALA A 4 29.14 -17.35 18.45
CA ALA A 4 28.26 -18.34 17.84
C ALA A 4 28.72 -18.87 16.47
N HIS A 5 29.32 -18.04 15.64
CA HIS A 5 29.80 -18.53 14.37
C HIS A 5 30.97 -19.50 14.53
N THR A 6 31.67 -19.40 15.64
CA THR A 6 32.83 -20.31 15.89
C THR A 6 32.39 -21.63 16.51
N LYS A 7 31.24 -21.64 17.18
CA LYS A 7 30.75 -22.81 17.86
C LYS A 7 30.06 -23.77 16.89
N THR A 8 30.02 -25.04 17.25
CA THR A 8 29.30 -26.07 16.49
C THR A 8 27.81 -25.99 16.70
N VAL A 9 27.08 -26.57 15.77
CA VAL A 9 25.61 -26.59 15.85
C VAL A 9 25.17 -27.19 17.22
N GLU A 10 25.85 -28.25 17.62
CA GLU A 10 25.53 -28.88 18.90
C GLU A 10 25.91 -27.96 20.07
N GLU A 11 26.91 -27.11 19.87
CA GLU A 11 27.39 -26.21 20.91
C GLU A 11 26.50 -24.99 21.13
N VAL A 12 25.93 -24.47 20.03
CA VAL A 12 25.04 -23.32 20.12
C VAL A 12 23.66 -23.77 20.61
N LEU A 13 23.22 -24.94 20.12
CA LEU A 13 21.96 -25.52 20.59
C LEU A 13 22.02 -25.74 22.10
N GLY A 14 23.19 -26.16 22.57
CA GLY A 14 23.38 -26.43 23.98
C GLY A 14 23.29 -25.18 24.81
N HIS A 15 23.88 -24.08 24.31
CA HIS A 15 23.89 -22.81 25.05
C HIS A 15 22.48 -22.35 25.43
N PHE A 16 21.48 -22.73 24.63
CA PHE A 16 20.08 -22.45 24.97
C PHE A 16 19.25 -23.63 25.50
N GLY A 17 19.82 -24.83 25.51
CA GLY A 17 19.08 -26.02 25.93
C GLY A 17 17.80 -26.28 25.16
N VAL A 18 17.90 -26.35 23.84
CA VAL A 18 16.73 -26.48 22.97
C VAL A 18 16.94 -27.64 21.99
N ASN A 19 15.89 -28.39 21.74
CA ASN A 19 15.94 -29.47 20.77
C ASN A 19 15.65 -28.91 19.37
N GLU A 20 16.43 -29.35 18.38
CA GLU A 20 16.27 -28.87 17.01
C GLU A 20 14.94 -29.32 16.39
N SER A 21 14.46 -30.51 16.77
CA SER A 21 13.21 -31.05 16.23
C SER A 21 11.91 -30.59 16.92
N THR A 22 11.96 -30.29 18.21
CA THR A 22 10.78 -29.75 18.92
C THR A 22 10.80 -28.26 19.34
N GLY A 23 11.93 -27.59 19.20
CA GLY A 23 12.05 -26.19 19.61
C GLY A 23 11.84 -25.91 21.09
N LEU A 24 11.69 -24.63 21.43
CA LEU A 24 11.45 -24.20 22.80
C LEU A 24 10.07 -24.63 23.32
N SER A 25 9.89 -24.61 24.65
CA SER A 25 8.59 -24.94 25.25
C SER A 25 7.80 -23.69 25.61
N LEU A 26 6.57 -23.88 26.07
CA LEU A 26 5.67 -22.76 26.32
C LEU A 26 6.19 -21.82 27.39
N GLU A 27 6.69 -22.40 28.49
CA GLU A 27 7.23 -21.60 29.58
C GLU A 27 8.66 -21.13 29.30
N GLN A 28 9.41 -21.90 28.52
CA GLN A 28 10.78 -21.54 28.19
C GLN A 28 10.82 -20.23 27.37
N VAL A 29 9.83 -20.08 26.49
CA VAL A 29 9.68 -18.83 25.76
C VAL A 29 9.30 -17.70 26.70
N LYS A 30 8.40 -17.99 27.63
CA LYS A 30 8.02 -17.04 28.68
C LYS A 30 9.24 -16.60 29.50
N LYS A 31 10.14 -17.54 29.75
CA LYS A 31 11.36 -17.27 30.51
C LYS A 31 12.28 -16.31 29.76
N LEU A 32 12.42 -16.55 28.46
CA LEU A 32 13.27 -15.71 27.62
C LEU A 32 12.56 -14.42 27.22
N LYS A 33 11.24 -14.42 27.34
CA LYS A 33 10.45 -13.24 26.99
C LYS A 33 10.69 -12.09 27.97
N GLU A 34 10.99 -12.43 29.22
CA GLU A 34 11.31 -11.44 30.24
C GLU A 34 12.78 -11.00 30.20
N ARG A 35 13.66 -11.93 29.82
CA ARG A 35 15.08 -11.64 29.77
C ARG A 35 15.49 -10.75 28.59
N TRP A 36 15.10 -11.16 27.38
CA TRP A 36 15.60 -10.52 26.16
C TRP A 36 14.73 -9.42 25.55
N GLY A 37 13.49 -9.28 26.03
CA GLY A 37 12.55 -8.39 25.37
C GLY A 37 12.16 -8.96 24.02
N SER A 38 11.27 -8.28 23.31
CA SER A 38 10.82 -8.75 22.01
C SER A 38 11.90 -8.53 20.93
N ASN A 39 11.57 -8.93 19.71
CA ASN A 39 12.51 -8.84 18.59
C ASN A 39 12.40 -7.48 17.91
N GLU A 40 11.57 -6.62 18.51
CA GLU A 40 11.30 -5.30 17.97
C GLU A 40 12.42 -4.30 18.25
N LEU A 41 12.66 -3.39 17.31
CA LEU A 41 13.60 -2.29 17.51
C LEU A 41 12.91 -1.15 18.24
N PRO A 42 13.47 -0.73 19.39
CA PRO A 42 12.82 0.31 20.20
C PRO A 42 12.89 1.68 19.53
N ALA A 43 12.05 1.90 18.51
CA ALA A 43 11.96 3.21 17.90
C ALA A 43 11.60 4.19 19.01
N GLU A 44 12.40 5.23 19.18
CA GLU A 44 12.17 6.12 20.29
C GLU A 44 11.00 7.03 19.93
N GLU A 45 9.93 6.89 20.69
CA GLU A 45 8.86 7.86 20.65
C GLU A 45 9.48 9.08 21.27
N GLY A 46 10.16 8.80 22.38
CA GLY A 46 10.80 9.79 23.22
C GLY A 46 9.73 10.40 24.10
N LYS A 47 8.49 10.26 23.62
CA LYS A 47 7.33 10.97 24.13
C LYS A 47 7.83 12.36 24.45
N THR A 48 8.35 13.05 23.45
CA THR A 48 9.09 14.24 23.77
C THR A 48 8.18 15.41 23.51
N LEU A 49 7.59 15.90 24.59
CA LEU A 49 6.73 17.07 24.56
C LEU A 49 7.58 18.32 24.72
N LEU A 50 8.55 18.22 25.63
CA LEU A 50 9.40 19.33 25.99
C LEU A 50 10.27 19.77 24.82
N GLU A 51 10.81 18.78 24.10
CA GLU A 51 11.68 19.05 22.97
C GLU A 51 10.92 19.08 21.62
N LEU A 52 9.65 18.68 21.62
CA LEU A 52 8.82 18.84 20.42
C LEU A 52 8.46 20.32 20.29
N VAL A 53 8.20 20.94 21.45
CA VAL A 53 7.97 22.38 21.51
C VAL A 53 9.22 23.13 21.08
N ILE A 54 10.38 22.53 21.34
CA ILE A 54 11.66 23.11 20.92
C ILE A 54 11.84 22.96 19.41
N GLU A 55 11.28 21.92 18.81
CA GLU A 55 11.45 21.76 17.36
C GLU A 55 10.46 22.65 16.63
N GLN A 56 9.21 22.18 16.46
CA GLN A 56 8.05 22.99 16.07
C GLN A 56 8.40 24.17 15.17
N PHE A 57 9.00 23.87 14.02
CA PHE A 57 9.54 24.90 13.14
C PHE A 57 8.54 25.22 12.01
N GLU A 58 7.37 24.61 12.09
CA GLU A 58 6.40 24.68 11.00
C GLU A 58 5.80 26.06 10.77
N ASP A 59 5.16 26.65 11.78
CA ASP A 59 4.54 27.95 11.58
C ASP A 59 5.57 29.04 11.85
N LEU A 60 5.97 29.73 10.78
CA LEU A 60 6.93 30.81 10.88
C LEU A 60 6.23 32.06 11.33
N LEU A 61 5.02 32.24 10.81
CA LEU A 61 4.22 33.43 11.07
C LEU A 61 3.88 33.67 12.54
N VAL A 62 3.13 32.76 13.13
CA VAL A 62 2.66 32.93 14.51
C VAL A 62 3.81 32.89 15.53
N ARG A 63 4.98 32.45 15.08
CA ARG A 63 6.19 32.53 15.89
C ARG A 63 6.65 33.99 15.97
N ILE A 64 6.38 34.73 14.90
CA ILE A 64 6.69 36.16 14.85
C ILE A 64 5.67 36.94 15.70
N LEU A 65 4.63 36.24 16.15
CA LEU A 65 3.71 36.81 17.13
C LEU A 65 4.36 36.79 18.51
N LEU A 66 5.27 35.83 18.71
CA LEU A 66 5.99 35.70 19.98
C LEU A 66 6.93 36.87 20.25
N LEU A 67 7.56 37.40 19.21
CA LEU A 67 8.69 38.31 19.38
C LEU A 67 8.34 39.71 19.87
N ALA A 68 7.20 40.27 19.47
CA ALA A 68 6.90 41.65 19.84
C ALA A 68 6.41 41.77 21.27
N ALA A 69 5.73 40.74 21.76
CA ALA A 69 5.21 40.75 23.13
C ALA A 69 6.28 40.39 24.17
N CYS A 70 7.21 39.53 23.80
CA CYS A 70 8.17 38.97 24.76
C CYS A 70 9.20 39.99 25.25
N ILE A 71 9.89 40.65 24.32
CA ILE A 71 10.95 41.61 24.69
C ILE A 71 10.35 42.95 25.16
N SER A 72 9.14 43.24 24.71
CA SER A 72 8.50 44.52 25.03
C SER A 72 8.02 44.63 26.47
N PHE A 73 8.15 43.54 27.24
CA PHE A 73 7.72 43.55 28.64
C PHE A 73 8.56 44.51 29.48
N VAL A 74 9.63 45.04 28.88
CA VAL A 74 10.38 46.17 29.45
C VAL A 74 9.43 47.35 29.67
N LEU A 75 8.41 47.43 28.82
CA LEU A 75 7.40 48.49 28.92
C LEU A 75 6.44 48.26 30.09
N ALA A 76 6.19 46.99 30.42
CA ALA A 76 5.22 46.64 31.47
C ALA A 76 5.56 47.28 32.82
N TRP A 77 6.85 47.40 33.11
CA TRP A 77 7.29 48.05 34.34
C TRP A 77 7.26 49.58 34.18
N PHE A 78 7.64 50.04 32.99
CA PHE A 78 7.71 51.47 32.69
C PHE A 78 6.45 52.01 31.99
N GLU A 79 5.43 51.16 31.87
CA GLU A 79 4.15 51.54 31.24
C GLU A 79 3.59 52.83 31.82
N GLU A 80 3.21 53.75 30.94
CA GLU A 80 2.68 55.03 31.39
C GLU A 80 1.16 54.97 31.46
N GLY A 81 0.65 54.91 32.70
CA GLY A 81 -0.77 54.93 32.98
C GLY A 81 -1.03 54.17 34.27
N GLU A 82 -2.25 54.23 34.78
CA GLU A 82 -2.63 53.45 35.96
C GLU A 82 -3.43 52.19 35.66
N GLU A 83 -3.66 51.91 34.37
CA GLU A 83 -4.55 50.81 33.96
C GLU A 83 -4.17 49.46 34.55
N THR A 84 -5.16 48.81 35.17
CA THR A 84 -4.96 47.53 35.83
C THR A 84 -5.83 46.42 35.22
N ILE A 85 -7.15 46.60 35.31
CA ILE A 85 -8.10 45.61 34.82
C ILE A 85 -7.99 45.38 33.31
N THR A 86 -7.67 46.45 32.58
CA THR A 86 -7.57 46.38 31.12
C THR A 86 -6.13 46.17 30.65
N ALA A 87 -5.21 45.98 31.59
CA ALA A 87 -3.79 45.88 31.29
C ALA A 87 -3.39 44.52 30.70
N PHE A 88 -3.52 43.46 31.50
CA PHE A 88 -2.95 42.16 31.16
C PHE A 88 -3.89 41.24 30.37
N VAL A 89 -5.05 41.75 29.99
CA VAL A 89 -6.02 40.96 29.23
C VAL A 89 -5.56 40.72 27.79
N GLU A 90 -5.00 41.75 27.16
CA GLU A 90 -4.52 41.65 25.79
C GLU A 90 -3.29 40.73 25.59
N PRO A 91 -2.29 40.80 26.50
CA PRO A 91 -1.14 39.88 26.34
C PRO A 91 -1.50 38.39 26.34
N PHE A 92 -2.67 38.05 26.87
CA PHE A 92 -3.14 36.67 26.86
C PHE A 92 -3.44 36.20 25.44
N VAL A 93 -3.86 37.14 24.59
CA VAL A 93 -4.16 36.85 23.19
C VAL A 93 -2.91 36.41 22.44
N ILE A 94 -1.81 37.12 22.68
CA ILE A 94 -0.55 36.85 22.00
C ILE A 94 0.10 35.54 22.48
N LEU A 95 0.04 35.30 23.78
CA LEU A 95 0.71 34.15 24.38
C LEU A 95 -0.04 32.84 24.16
N LEU A 96 -1.36 32.92 24.08
CA LEU A 96 -2.18 31.71 23.93
C LEU A 96 -1.96 31.05 22.57
N ILE A 97 -1.70 31.85 21.55
CA ILE A 97 -1.39 31.32 20.21
C ILE A 97 -0.11 30.50 20.27
N LEU A 98 0.83 30.94 21.10
CA LEU A 98 2.09 30.23 21.30
C LEU A 98 1.88 28.89 21.98
N VAL A 99 1.10 28.89 23.06
CA VAL A 99 0.79 27.68 23.81
C VAL A 99 -0.01 26.71 22.94
N ALA A 100 -0.93 27.27 22.14
CA ALA A 100 -1.77 26.47 21.26
C ALA A 100 -0.99 25.93 20.06
N ASN A 101 0.01 26.68 19.62
CA ASN A 101 0.82 26.25 18.48
C ASN A 101 1.60 24.97 18.81
N ALA A 102 1.88 24.78 20.10
CA ALA A 102 2.51 23.55 20.57
C ALA A 102 1.57 22.37 20.31
N ILE A 103 0.27 22.62 20.45
CA ILE A 103 -0.73 21.57 20.25
C ILE A 103 -0.96 21.30 18.76
N VAL A 104 -0.84 22.34 17.94
CA VAL A 104 -0.98 22.21 16.49
C VAL A 104 0.09 21.28 15.94
N GLY A 105 1.31 21.42 16.43
CA GLY A 105 2.40 20.57 16.00
C GLY A 105 2.33 19.17 16.58
N VAL A 106 2.12 19.07 17.89
CA VAL A 106 2.19 17.79 18.59
C VAL A 106 1.05 16.83 18.26
N TRP A 107 -0.19 17.29 18.45
CA TRP A 107 -1.37 16.43 18.31
C TRP A 107 -1.51 15.90 16.88
N GLN A 108 -1.08 16.68 15.91
CA GLN A 108 -1.20 16.30 14.51
C GLN A 108 -0.08 15.38 14.04
N GLU A 109 1.14 15.60 14.53
CA GLU A 109 2.31 14.88 14.02
C GLU A 109 2.49 13.47 14.60
N ARG A 110 2.25 13.30 15.90
CA ARG A 110 2.38 12.00 16.55
C ARG A 110 1.38 11.01 15.96
N ASN A 111 0.21 11.52 15.56
CA ASN A 111 -0.80 10.71 14.88
C ASN A 111 -0.32 10.26 13.50
N ALA A 112 0.61 11.02 12.91
CA ALA A 112 1.21 10.66 11.64
C ALA A 112 2.28 9.57 11.82
N GLU A 113 3.05 9.66 12.91
CA GLU A 113 4.03 8.63 13.25
C GLU A 113 3.32 7.30 13.52
N ASN A 114 2.09 7.39 14.02
CA ASN A 114 1.28 6.21 14.28
C ASN A 114 0.70 5.66 12.98
N ALA A 115 0.50 6.54 12.01
CA ALA A 115 -0.05 6.14 10.72
C ALA A 115 0.90 5.20 9.97
N ILE A 116 2.17 5.62 9.86
CA ILE A 116 3.18 4.82 9.19
C ILE A 116 3.25 3.41 9.80
N GLU A 117 3.08 3.34 11.11
CA GLU A 117 3.12 2.06 11.82
C GLU A 117 1.83 1.28 11.62
N ALA A 118 0.72 2.01 11.51
CA ALA A 118 -0.60 1.39 11.32
C ALA A 118 -0.67 0.60 10.00
N LEU A 119 0.11 1.01 9.01
CA LEU A 119 0.19 0.29 7.74
C LEU A 119 0.83 -1.09 7.94
N LYS A 120 1.85 -1.14 8.79
CA LYS A 120 2.54 -2.40 9.07
C LYS A 120 1.71 -3.31 9.97
N GLU A 121 0.84 -2.72 10.78
CA GLU A 121 0.07 -3.46 11.79
C GLU A 121 -0.91 -4.46 11.18
N TYR A 122 -1.34 -4.21 9.94
CA TYR A 122 -2.32 -5.09 9.30
C TYR A 122 -1.70 -6.40 8.81
N GLU A 123 -0.43 -6.32 8.43
CA GLU A 123 0.33 -7.50 8.03
C GLU A 123 1.64 -7.56 8.81
N PRO A 124 1.60 -8.11 10.03
CA PRO A 124 2.77 -8.11 10.91
C PRO A 124 3.90 -8.97 10.38
N GLU A 125 5.14 -8.61 10.70
CA GLU A 125 6.29 -9.39 10.28
C GLU A 125 6.20 -10.76 10.89
N MET A 126 6.20 -11.78 10.05
CA MET A 126 6.05 -13.14 10.57
C MET A 126 7.38 -13.88 10.56
N GLY A 127 7.40 -15.07 11.14
CA GLY A 127 8.54 -15.95 11.03
C GLY A 127 8.15 -17.35 11.40
N LYS A 128 8.83 -18.33 10.80
CA LYS A 128 8.45 -19.73 11.02
C LYS A 128 9.33 -20.28 12.13
N VAL A 129 8.71 -20.57 13.26
CA VAL A 129 9.42 -21.08 14.42
C VAL A 129 8.95 -22.50 14.69
N TYR A 130 9.76 -23.23 15.44
CA TYR A 130 9.37 -24.54 15.93
C TYR A 130 9.29 -24.51 17.43
N ARG A 131 8.13 -24.89 17.95
CA ARG A 131 7.94 -24.98 19.40
C ARG A 131 7.13 -26.23 19.77
N GLN A 132 6.90 -26.43 21.05
CA GLN A 132 6.28 -27.67 21.54
C GLN A 132 4.76 -27.69 21.42
N ASP A 133 4.18 -26.61 20.89
CA ASP A 133 2.75 -26.55 20.63
C ASP A 133 2.37 -27.56 19.55
N ARG A 134 3.08 -27.54 18.43
CA ARG A 134 2.79 -28.44 17.32
C ARG A 134 4.07 -29.15 16.86
N LYS A 135 3.92 -30.35 16.31
CA LYS A 135 5.06 -31.09 15.80
C LYS A 135 5.52 -30.51 14.46
N SER A 136 4.59 -29.92 13.72
CA SER A 136 4.93 -29.26 12.46
C SER A 136 5.40 -27.84 12.74
N VAL A 137 5.65 -27.06 11.69
CA VAL A 137 6.17 -25.70 11.86
C VAL A 137 5.06 -24.79 12.38
N GLN A 138 5.45 -23.76 13.13
CA GLN A 138 4.50 -22.84 13.74
C GLN A 138 4.80 -21.43 13.27
N ARG A 139 3.79 -20.74 12.77
CA ARG A 139 4.00 -19.41 12.24
C ARG A 139 3.54 -18.35 13.26
N ILE A 140 4.49 -17.63 13.82
CA ILE A 140 4.18 -16.61 14.83
C ILE A 140 4.73 -15.26 14.41
N LYS A 141 4.50 -14.26 15.23
CA LYS A 141 5.01 -12.93 14.93
C LYS A 141 6.50 -12.91 15.15
N ALA A 142 7.19 -12.12 14.35
CA ALA A 142 8.65 -12.01 14.45
C ALA A 142 9.10 -11.43 15.79
N LYS A 143 8.25 -10.57 16.36
CA LYS A 143 8.56 -9.92 17.62
C LYS A 143 8.49 -10.90 18.79
N ASP A 144 7.76 -11.99 18.62
CA ASP A 144 7.62 -12.99 19.67
C ASP A 144 8.78 -13.97 19.66
N ILE A 145 9.73 -13.74 18.77
CA ILE A 145 10.90 -14.59 18.67
C ILE A 145 11.96 -14.21 19.69
N VAL A 146 12.49 -15.20 20.40
CA VAL A 146 13.50 -14.96 21.39
C VAL A 146 14.76 -15.74 21.02
N PRO A 147 15.92 -15.33 21.56
CA PRO A 147 17.13 -16.13 21.32
C PRO A 147 16.98 -17.58 21.80
N GLY A 148 17.33 -18.55 20.97
CA GLY A 148 17.16 -19.95 21.28
C GLY A 148 16.06 -20.63 20.48
N ASP A 149 15.19 -19.84 19.84
CA ASP A 149 14.15 -20.43 19.01
C ASP A 149 14.70 -21.14 17.78
N ILE A 150 14.05 -22.22 17.39
CA ILE A 150 14.37 -22.87 16.14
C ILE A 150 13.55 -22.22 14.98
N VAL A 151 14.25 -21.64 14.00
CA VAL A 151 13.60 -20.93 12.91
C VAL A 151 13.80 -21.65 11.58
N GLU A 152 12.75 -21.74 10.81
CA GLU A 152 12.85 -22.28 9.46
C GLU A 152 12.71 -21.14 8.43
N ILE A 153 13.48 -21.24 7.35
CA ILE A 153 13.47 -20.19 6.35
C ILE A 153 13.58 -20.79 4.96
N ALA A 154 13.03 -20.10 3.98
CA ALA A 154 13.09 -20.54 2.60
C ALA A 154 13.22 -19.34 1.67
N VAL A 155 13.34 -19.59 0.37
CA VAL A 155 13.49 -18.54 -0.62
C VAL A 155 12.38 -17.46 -0.49
N GLY A 156 12.81 -16.22 -0.38
CA GLY A 156 11.90 -15.12 -0.29
C GLY A 156 11.62 -14.69 1.11
N ASP A 157 12.01 -15.51 2.10
CA ASP A 157 11.77 -15.20 3.50
C ASP A 157 12.71 -14.12 3.96
N LYS A 158 12.20 -13.21 4.77
CA LYS A 158 13.06 -12.28 5.48
C LYS A 158 13.56 -12.99 6.75
N VAL A 159 14.88 -12.94 6.99
CA VAL A 159 15.44 -13.54 8.15
C VAL A 159 14.96 -12.75 9.38
N PRO A 160 14.19 -13.40 10.25
CA PRO A 160 13.60 -12.71 11.39
C PRO A 160 14.56 -12.32 12.53
N ALA A 161 15.70 -12.99 12.64
CA ALA A 161 16.66 -12.72 13.71
C ALA A 161 18.03 -13.22 13.34
N ASP A 162 19.04 -12.79 14.09
CA ASP A 162 20.37 -13.37 13.91
C ASP A 162 20.30 -14.84 14.25
N ILE A 163 20.71 -15.69 13.30
CA ILE A 163 20.53 -17.12 13.41
C ILE A 163 21.80 -17.93 13.08
N ARG A 164 22.14 -18.87 13.95
CA ARG A 164 23.18 -19.85 13.68
C ARG A 164 22.49 -21.01 12.98
N LEU A 165 22.96 -21.30 11.77
CA LEU A 165 22.37 -22.37 10.99
C LEU A 165 22.54 -23.72 11.64
N THR A 166 21.57 -24.60 11.42
CA THR A 166 21.62 -25.93 12.02
C THR A 166 21.58 -27.01 10.95
N SER A 167 20.58 -26.96 10.10
CA SER A 167 20.53 -27.86 8.94
C SER A 167 20.01 -27.16 7.64
N ILE A 168 20.67 -27.43 6.51
CA ILE A 168 20.24 -26.93 5.23
C ILE A 168 19.52 -28.03 4.43
N LYS A 169 18.23 -27.81 4.14
CA LYS A 169 17.38 -28.85 3.50
C LYS A 169 17.62 -28.97 1.99
N SER A 170 17.70 -27.85 1.31
CA SER A 170 18.03 -27.87 -0.08
C SER A 170 19.48 -28.18 -0.26
N THR A 171 19.93 -28.21 -1.51
CA THR A 171 21.30 -28.58 -1.81
C THR A 171 22.23 -27.46 -1.43
N THR A 172 21.71 -26.25 -1.59
CA THR A 172 22.45 -25.08 -1.25
C THR A 172 21.49 -23.96 -0.77
N LEU A 173 21.99 -23.14 0.15
CA LEU A 173 21.28 -21.99 0.66
C LEU A 173 22.07 -20.71 0.33
N ARG A 174 21.41 -19.79 -0.37
CA ARG A 174 22.02 -18.52 -0.73
C ARG A 174 21.25 -17.37 -0.10
N VAL A 175 21.98 -16.45 0.51
CA VAL A 175 21.36 -15.33 1.20
C VAL A 175 21.76 -13.99 0.59
N ASP A 176 20.81 -13.10 0.39
CA ASP A 176 21.14 -11.77 -0.05
C ASP A 176 21.31 -10.90 1.18
N GLN A 177 22.58 -10.62 1.46
CA GLN A 177 23.03 -9.84 2.61
C GLN A 177 23.30 -8.37 2.26
N SER A 178 22.90 -7.97 1.05
CA SER A 178 23.12 -6.60 0.55
C SER A 178 22.66 -5.50 1.51
N ILE A 179 21.67 -5.76 2.36
CA ILE A 179 21.21 -4.75 3.31
C ILE A 179 22.22 -4.61 4.47
N LEU A 180 22.90 -5.70 4.80
CA LEU A 180 23.89 -5.72 5.86
C LEU A 180 25.30 -5.44 5.32
N THR A 181 25.77 -6.26 4.40
CA THR A 181 27.06 -6.04 3.76
C THR A 181 26.89 -5.37 2.40
N GLY A 182 28.00 -5.01 1.76
CA GLY A 182 27.93 -4.35 0.46
C GLY A 182 27.83 -5.36 -0.68
N GLU A 183 27.71 -6.64 -0.33
CA GLU A 183 27.72 -7.71 -1.30
C GLU A 183 26.46 -7.68 -2.12
N SER A 184 26.59 -7.59 -3.43
CA SER A 184 25.42 -7.56 -4.32
C SER A 184 25.08 -8.93 -4.87
N VAL A 185 25.93 -9.90 -4.58
CA VAL A 185 25.66 -11.28 -5.00
C VAL A 185 25.28 -12.12 -3.77
N SER A 186 24.38 -13.07 -3.95
CA SER A 186 23.92 -13.89 -2.86
C SER A 186 25.09 -14.71 -2.33
N VAL A 187 25.19 -14.81 -1.01
CA VAL A 187 26.29 -15.52 -0.38
C VAL A 187 25.87 -16.93 0.01
N ILE A 188 26.78 -17.87 -0.18
CA ILE A 188 26.51 -19.27 0.08
C ILE A 188 26.80 -19.59 1.56
N LYS A 189 25.98 -20.44 2.14
CA LYS A 189 26.02 -20.67 3.59
C LYS A 189 26.34 -22.12 3.89
N HIS A 190 26.77 -22.39 5.13
CA HIS A 190 26.94 -23.76 5.56
C HIS A 190 26.64 -23.89 7.05
N THR A 191 26.72 -25.09 7.60
CA THR A 191 26.46 -25.31 9.01
C THR A 191 27.70 -25.52 9.85
N ASP A 192 28.89 -25.55 9.23
CA ASP A 192 30.13 -25.81 9.98
C ASP A 192 30.52 -24.57 10.77
N PRO A 193 31.32 -24.74 11.83
CA PRO A 193 31.83 -23.57 12.56
C PRO A 193 32.79 -22.71 11.74
N VAL A 194 32.78 -21.40 11.99
CA VAL A 194 33.79 -20.52 11.40
C VAL A 194 34.77 -20.20 12.52
N PRO A 195 35.95 -20.86 12.53
CA PRO A 195 36.81 -20.81 13.72
C PRO A 195 37.34 -19.41 14.05
N ASP A 196 37.52 -18.56 13.05
CA ASP A 196 38.00 -17.21 13.31
C ASP A 196 36.95 -16.41 14.06
N PRO A 197 37.24 -16.06 15.33
CA PRO A 197 36.27 -15.32 16.16
C PRO A 197 36.11 -13.88 15.73
N ARG A 198 37.15 -13.32 15.11
CA ARG A 198 37.12 -11.93 14.64
C ARG A 198 36.66 -11.82 13.17
N ALA A 199 36.19 -12.93 12.61
CA ALA A 199 35.70 -12.93 11.23
C ALA A 199 34.59 -11.91 11.02
N VAL A 200 34.62 -11.25 9.85
CA VAL A 200 33.59 -10.30 9.46
C VAL A 200 32.31 -11.01 9.02
N ASN A 201 31.20 -10.28 9.00
CA ASN A 201 29.93 -10.83 8.60
C ASN A 201 29.97 -11.48 7.21
N GLN A 202 30.80 -10.93 6.35
CA GLN A 202 30.99 -11.47 5.01
C GLN A 202 31.51 -12.92 5.11
N ASP A 203 32.35 -13.17 6.12
CA ASP A 203 32.93 -14.49 6.30
C ASP A 203 32.21 -15.38 7.32
N LYS A 204 31.21 -14.85 8.03
CA LYS A 204 30.57 -15.74 8.97
C LYS A 204 29.46 -16.44 8.15
N LYS A 205 29.79 -17.60 7.62
CA LYS A 205 29.00 -18.13 6.56
C LYS A 205 27.97 -19.12 7.11
N ASN A 206 28.11 -19.49 8.38
CA ASN A 206 27.11 -20.29 9.04
C ASN A 206 25.99 -19.48 9.72
N MET A 207 26.01 -18.18 9.51
CA MET A 207 25.02 -17.31 10.16
C MET A 207 23.96 -16.69 9.20
N LEU A 208 22.77 -16.46 9.74
CA LEU A 208 21.72 -15.68 9.07
C LEU A 208 21.49 -14.39 9.82
N PHE A 209 21.71 -13.27 9.15
CA PHE A 209 21.54 -11.97 9.78
C PHE A 209 20.13 -11.41 9.56
N SER A 210 19.53 -10.92 10.65
CA SER A 210 18.21 -10.34 10.62
C SER A 210 18.22 -9.18 9.64
N GLY A 211 17.14 -9.05 8.83
CA GLY A 211 17.04 -8.00 7.85
C GLY A 211 17.50 -8.44 6.48
N THR A 212 18.27 -9.52 6.44
CA THR A 212 18.61 -10.11 5.16
C THR A 212 17.50 -11.07 4.71
N ASN A 213 17.61 -11.58 3.49
CA ASN A 213 16.60 -12.49 2.99
C ASN A 213 17.20 -13.63 2.20
N ILE A 214 16.45 -14.70 2.03
CA ILE A 214 16.97 -15.87 1.35
C ILE A 214 16.75 -15.77 -0.15
N ALA A 215 17.86 -15.77 -0.89
CA ALA A 215 17.81 -15.70 -2.34
C ALA A 215 17.38 -17.04 -2.93
N ALA A 216 17.99 -18.12 -2.43
CA ALA A 216 17.59 -19.48 -2.84
C ALA A 216 17.81 -20.49 -1.73
N GLY A 217 16.94 -21.51 -1.66
CA GLY A 217 17.19 -22.63 -0.77
C GLY A 217 16.27 -22.71 0.39
N LYS A 218 16.54 -23.65 1.28
CA LYS A 218 15.75 -23.82 2.50
C LYS A 218 16.65 -24.37 3.60
N ALA A 219 16.42 -23.96 4.83
CA ALA A 219 17.28 -24.34 5.93
C ALA A 219 16.63 -24.12 7.29
N MET A 220 17.32 -24.53 8.34
CA MET A 220 16.88 -24.30 9.72
C MET A 220 18.02 -23.73 10.56
N GLY A 221 17.69 -23.16 11.70
CA GLY A 221 18.72 -22.60 12.53
C GLY A 221 18.23 -22.19 13.90
N VAL A 222 19.15 -21.83 14.79
CA VAL A 222 18.78 -21.37 16.12
C VAL A 222 19.05 -19.88 16.20
N VAL A 223 18.12 -19.15 16.83
CA VAL A 223 18.30 -17.71 17.01
C VAL A 223 19.40 -17.45 18.04
N VAL A 224 20.19 -16.42 17.79
CA VAL A 224 21.31 -16.05 18.64
C VAL A 224 21.06 -14.63 19.20
N ALA A 225 20.89 -13.64 18.33
CA ALA A 225 20.61 -12.28 18.75
C ALA A 225 19.25 -11.73 18.26
N THR A 226 18.56 -11.02 19.14
CA THR A 226 17.32 -10.36 18.79
C THR A 226 17.34 -8.90 19.21
N GLY A 227 16.41 -8.12 18.67
CA GLY A 227 16.29 -6.71 18.98
C GLY A 227 17.55 -5.92 18.65
N VAL A 228 18.04 -5.19 19.65
CA VAL A 228 19.23 -4.36 19.50
C VAL A 228 20.49 -5.22 19.41
N ASN A 229 20.41 -6.43 19.94
CA ASN A 229 21.54 -7.36 19.92
C ASN A 229 21.86 -7.83 18.50
N THR A 230 20.93 -7.58 17.57
CA THR A 230 21.11 -7.90 16.16
C THR A 230 22.26 -7.13 15.55
N GLU A 231 23.01 -7.80 14.68
CA GLU A 231 24.19 -7.22 14.02
C GLU A 231 23.91 -5.88 13.40
N ILE A 232 22.73 -5.76 12.83
CA ILE A 232 22.28 -4.52 12.21
C ILE A 232 21.78 -3.51 13.23
N GLY A 233 21.19 -4.03 14.32
CA GLY A 233 20.53 -3.22 15.33
C GLY A 233 21.44 -2.24 16.02
N LYS A 234 22.53 -2.77 16.58
CA LYS A 234 23.49 -1.95 17.30
C LYS A 234 23.88 -0.71 16.47
N ILE A 235 24.10 -0.90 15.17
CA ILE A 235 24.44 0.18 14.26
C ILE A 235 23.36 1.25 14.14
N ARG A 236 22.25 0.91 13.48
CA ARG A 236 21.10 1.79 13.32
C ARG A 236 21.53 3.23 12.97
N ASP A 237 22.51 3.34 12.08
CA ASP A 237 23.12 4.62 11.75
C ASP A 237 22.98 4.83 10.24
N GLU A 238 23.30 3.80 9.48
CA GLU A 238 23.24 3.84 8.02
C GLU A 238 21.93 4.42 7.50
N MET A 239 20.94 4.48 8.38
CA MET A 239 19.67 5.12 8.08
C MET A 239 19.79 6.61 7.77
N VAL A 240 18.93 7.03 6.86
CA VAL A 240 18.67 8.42 6.60
C VAL A 240 17.54 8.81 7.55
N ALA A 241 17.19 10.08 7.65
CA ALA A 241 16.09 10.40 8.56
C ALA A 241 14.84 10.62 7.75
N THR A 242 14.03 9.57 7.67
CA THR A 242 12.78 9.55 6.91
C THR A 242 12.92 10.34 5.60
N GLU A 243 13.75 9.85 4.69
CA GLU A 243 14.03 10.57 3.44
C GLU A 243 13.07 10.11 2.34
N GLN A 244 12.13 10.97 1.99
CA GLN A 244 11.03 10.63 1.09
C GLN A 244 10.75 11.76 0.11
N GLU A 245 10.19 11.42 -1.06
CA GLU A 245 9.81 12.42 -2.06
C GLU A 245 8.38 12.88 -1.88
N ARG A 246 8.20 14.19 -1.77
CA ARG A 246 6.87 14.76 -1.64
C ARG A 246 5.97 14.28 -2.75
N THR A 247 4.74 13.93 -2.40
CA THR A 247 3.78 13.44 -3.38
C THR A 247 3.42 14.57 -4.32
N PRO A 248 2.93 14.25 -5.53
CA PRO A 248 2.52 15.34 -6.43
C PRO A 248 1.46 16.26 -5.79
N LEU A 249 0.67 15.74 -4.85
CA LEU A 249 -0.33 16.55 -4.14
C LEU A 249 0.26 17.42 -3.04
N GLN A 250 1.14 16.86 -2.22
CA GLN A 250 1.77 17.61 -1.14
C GLN A 250 2.71 18.66 -1.68
N GLN A 251 3.31 18.39 -2.84
CA GLN A 251 4.14 19.36 -3.53
C GLN A 251 3.33 20.57 -3.95
N LYS A 252 2.20 20.32 -4.61
CA LYS A 252 1.29 21.38 -5.03
C LYS A 252 0.82 22.20 -3.83
N LEU A 253 0.60 21.51 -2.72
CA LEU A 253 0.16 22.16 -1.49
C LEU A 253 1.31 22.95 -0.87
N ASP A 254 2.52 22.38 -0.89
CA ASP A 254 3.70 23.07 -0.38
C ASP A 254 4.04 24.25 -1.28
N GLU A 255 3.83 24.07 -2.58
CA GLU A 255 4.06 25.14 -3.55
C GLU A 255 3.04 26.26 -3.40
N PHE A 256 1.79 25.88 -3.18
CA PHE A 256 0.72 26.85 -2.98
C PHE A 256 0.90 27.61 -1.68
N GLY A 257 1.63 27.01 -0.74
CA GLY A 257 1.92 27.62 0.54
C GLY A 257 3.11 28.55 0.47
N GLU A 258 4.04 28.24 -0.42
CA GLU A 258 5.23 29.07 -0.60
C GLU A 258 5.03 30.27 -1.53
N GLN A 259 4.14 30.14 -2.53
CA GLN A 259 3.86 31.27 -3.42
C GLN A 259 3.05 32.33 -2.68
N LEU A 260 2.00 31.87 -1.99
CA LEU A 260 1.10 32.77 -1.27
C LEU A 260 1.75 33.38 -0.03
N SER A 261 2.74 32.71 0.54
CA SER A 261 3.46 33.24 1.70
C SER A 261 4.22 34.52 1.31
N LYS A 262 4.66 34.57 0.05
CA LYS A 262 5.30 35.78 -0.48
C LYS A 262 4.25 36.84 -0.79
N VAL A 263 3.04 36.41 -1.15
CA VAL A 263 1.93 37.33 -1.44
C VAL A 263 1.45 37.99 -0.14
N ILE A 264 1.77 37.37 1.00
CA ILE A 264 1.47 37.95 2.31
C ILE A 264 2.21 39.29 2.43
N SER A 265 3.41 39.34 1.88
CA SER A 265 4.18 40.57 1.87
C SER A 265 3.48 41.63 1.01
N LEU A 266 2.95 41.23 -0.14
CA LEU A 266 2.24 42.15 -1.05
C LEU A 266 1.19 43.00 -0.32
N ILE A 267 0.46 42.37 0.59
CA ILE A 267 -0.49 43.04 1.45
C ILE A 267 0.18 43.69 2.68
N CYS A 268 1.20 43.01 3.22
CA CYS A 268 1.95 43.51 4.38
C CYS A 268 2.82 44.72 4.02
N ILE A 269 3.41 44.67 2.82
CA ILE A 269 4.22 45.77 2.30
C ILE A 269 3.37 47.03 2.19
N ALA A 270 2.11 46.87 1.77
CA ALA A 270 1.19 47.97 1.60
C ALA A 270 0.88 48.70 2.91
N VAL A 271 1.03 47.99 4.04
CA VAL A 271 0.70 48.53 5.35
C VAL A 271 1.88 49.26 5.99
N TRP A 272 2.98 48.54 6.26
CA TRP A 272 4.15 49.15 6.90
C TRP A 272 4.66 50.36 6.14
N ILE A 273 4.63 50.25 4.81
CA ILE A 273 5.19 51.25 3.91
C ILE A 273 4.79 52.65 4.36
N ILE A 274 3.55 52.74 4.83
CA ILE A 274 2.82 53.97 5.00
C ILE A 274 3.63 55.06 5.68
N ASN A 275 4.36 54.69 6.73
CA ASN A 275 5.03 55.67 7.59
C ASN A 275 5.74 56.68 6.72
N ILE A 276 6.52 56.14 5.76
CA ILE A 276 7.20 56.85 4.68
C ILE A 276 7.77 58.18 5.16
N GLY A 277 8.76 58.10 6.06
CA GLY A 277 8.91 59.13 7.06
C GLY A 277 8.90 60.46 6.36
N HIS A 278 7.87 61.23 6.69
CA HIS A 278 7.46 62.33 5.86
C HIS A 278 8.63 63.31 5.89
N PHE A 279 9.16 63.58 4.71
CA PHE A 279 10.45 64.24 4.51
C PHE A 279 10.26 65.74 4.53
N ASN A 280 9.02 66.16 4.31
CA ASN A 280 8.66 67.54 4.51
C ASN A 280 7.39 67.59 5.35
N ASP A 281 7.53 67.65 6.66
CA ASP A 281 6.38 67.52 7.54
C ASP A 281 6.54 68.57 8.62
N PRO A 282 5.41 69.07 9.17
CA PRO A 282 5.54 70.11 10.18
C PRO A 282 6.24 69.58 11.44
N VAL A 283 6.52 70.47 12.39
CA VAL A 283 7.20 70.09 13.64
C VAL A 283 6.27 69.59 14.78
N HIS A 284 5.04 70.10 14.85
CA HIS A 284 4.10 69.68 15.90
C HIS A 284 2.73 69.28 15.30
N GLY A 285 2.38 68.00 15.37
CA GLY A 285 1.06 67.54 14.97
C GLY A 285 0.12 66.82 15.94
N GLY A 286 0.51 66.66 17.20
CA GLY A 286 -0.20 65.73 18.08
C GLY A 286 -0.12 64.29 17.59
N SER A 287 0.97 63.96 16.91
CA SER A 287 1.19 62.63 16.36
C SER A 287 1.08 61.55 17.43
N TRP A 288 0.53 60.40 17.06
CA TRP A 288 0.46 59.28 17.97
C TRP A 288 1.61 58.36 17.60
N ILE A 289 2.67 58.44 18.41
CA ILE A 289 3.98 57.89 18.07
C ILE A 289 4.09 56.45 18.56
N ARG A 290 3.08 56.03 19.32
CA ARG A 290 3.02 54.71 19.94
C ARG A 290 2.35 53.71 18.98
N GLY A 291 2.15 54.14 17.74
CA GLY A 291 1.42 53.36 16.76
C GLY A 291 2.19 52.23 16.09
N ALA A 292 3.25 51.77 16.74
CA ALA A 292 4.14 50.75 16.17
C ALA A 292 3.56 49.34 16.32
N ILE A 293 2.34 49.23 16.84
CA ILE A 293 1.64 47.95 16.91
C ILE A 293 0.52 47.68 15.86
N TYR A 294 0.16 48.69 15.07
CA TYR A 294 -1.03 48.55 14.21
C TYR A 294 -0.77 47.58 13.06
N TYR A 295 0.33 47.77 12.35
CA TYR A 295 0.67 46.89 11.24
C TYR A 295 1.15 45.52 11.75
N PHE A 296 1.47 45.45 13.04
CA PHE A 296 1.93 44.20 13.63
C PHE A 296 0.78 43.23 13.89
N LYS A 297 -0.30 43.75 14.47
CA LYS A 297 -1.47 42.92 14.78
C LYS A 297 -2.20 42.45 13.51
N ILE A 298 -2.11 43.25 12.44
CA ILE A 298 -2.76 42.91 11.19
C ILE A 298 -1.98 41.81 10.45
N ALA A 299 -0.66 41.91 10.45
CA ALA A 299 0.19 40.91 9.81
C ALA A 299 0.03 39.54 10.45
N VAL A 300 -0.17 39.52 11.76
CA VAL A 300 -0.44 38.28 12.47
C VAL A 300 -1.83 37.76 12.12
N ALA A 301 -2.79 38.66 12.03
CA ALA A 301 -4.15 38.30 11.65
C ALA A 301 -4.19 37.78 10.21
N LEU A 302 -3.34 38.34 9.35
CA LEU A 302 -3.25 37.90 7.96
C LEU A 302 -2.78 36.46 7.86
N ALA A 303 -1.71 36.16 8.58
CA ALA A 303 -1.09 34.84 8.59
C ALA A 303 -2.04 33.74 9.07
N VAL A 304 -2.79 34.04 10.13
CA VAL A 304 -3.78 33.11 10.64
C VAL A 304 -4.95 33.03 9.66
N ALA A 305 -5.17 34.10 8.92
CA ALA A 305 -6.20 34.11 7.88
C ALA A 305 -5.76 33.52 6.54
N ALA A 306 -4.45 33.47 6.28
CA ALA A 306 -3.95 32.96 5.01
C ALA A 306 -3.49 31.49 5.01
N ILE A 307 -3.30 30.92 6.19
CA ILE A 307 -2.76 29.57 6.27
C ILE A 307 -3.82 28.57 6.70
N PRO A 308 -3.99 27.50 5.95
CA PRO A 308 -4.90 26.44 6.38
C PRO A 308 -4.29 25.58 7.48
N GLU A 309 -4.36 26.05 8.71
CA GLU A 309 -3.70 25.39 9.84
C GLU A 309 -4.22 23.99 10.09
N GLY A 310 -5.44 23.70 9.65
CA GLY A 310 -6.04 22.41 9.88
C GLY A 310 -5.83 21.40 8.76
N LEU A 311 -5.17 21.82 7.68
CA LEU A 311 -5.07 20.98 6.49
C LEU A 311 -4.28 19.68 6.72
N PRO A 312 -3.07 19.77 7.33
CA PRO A 312 -2.32 18.52 7.49
C PRO A 312 -3.02 17.48 8.37
N ALA A 313 -3.77 17.92 9.38
CA ALA A 313 -4.48 17.00 10.25
C ALA A 313 -5.59 16.27 9.47
N VAL A 314 -6.27 16.99 8.59
CA VAL A 314 -7.35 16.41 7.81
C VAL A 314 -6.80 15.43 6.77
N ILE A 315 -5.66 15.79 6.17
CA ILE A 315 -5.02 14.92 5.19
C ILE A 315 -4.56 13.60 5.82
N THR A 316 -3.84 13.71 6.93
CA THR A 316 -3.33 12.55 7.63
C THR A 316 -4.46 11.64 8.07
N THR A 317 -5.55 12.24 8.52
CA THR A 317 -6.71 11.45 8.96
C THR A 317 -7.45 10.82 7.79
N CYS A 318 -7.46 11.51 6.66
CA CYS A 318 -8.15 11.02 5.46
C CYS A 318 -7.44 9.80 4.87
N LEU A 319 -6.13 9.89 4.73
CA LEU A 319 -5.34 8.81 4.18
C LEU A 319 -5.40 7.60 5.10
N ALA A 320 -5.19 7.84 6.39
CA ALA A 320 -5.09 6.75 7.36
C ALA A 320 -6.40 5.99 7.44
N LEU A 321 -7.51 6.71 7.50
CA LEU A 321 -8.80 6.05 7.62
C LEU A 321 -9.26 5.48 6.29
N GLY A 322 -8.73 6.05 5.21
CA GLY A 322 -9.01 5.54 3.87
C GLY A 322 -8.25 4.26 3.63
N THR A 323 -7.01 4.22 4.13
CA THR A 323 -6.16 3.05 3.99
C THR A 323 -6.77 1.86 4.70
N ARG A 324 -7.28 2.12 5.91
CA ARG A 324 -7.91 1.07 6.67
C ARG A 324 -9.11 0.54 5.90
N ARG A 325 -9.82 1.44 5.24
CA ARG A 325 -10.96 1.04 4.43
C ARG A 325 -10.47 0.21 3.24
N MET A 326 -9.30 0.57 2.70
CA MET A 326 -8.70 -0.21 1.64
C MET A 326 -8.25 -1.59 2.15
N ALA A 327 -7.55 -1.59 3.30
CA ALA A 327 -7.08 -2.82 3.89
C ALA A 327 -8.23 -3.78 4.17
N LYS A 328 -9.40 -3.23 4.44
CA LYS A 328 -10.58 -4.03 4.70
C LYS A 328 -11.04 -4.66 3.40
N LYS A 329 -10.73 -3.98 2.29
CA LYS A 329 -11.07 -4.46 0.96
C LYS A 329 -9.95 -5.35 0.38
N ASN A 330 -9.04 -5.76 1.27
CA ASN A 330 -7.90 -6.62 0.97
C ASN A 330 -6.84 -5.98 0.12
N ALA A 331 -6.83 -4.65 0.07
CA ALA A 331 -5.69 -3.96 -0.51
C ALA A 331 -4.90 -3.33 0.62
N ILE A 332 -3.75 -3.90 0.92
CA ILE A 332 -2.94 -3.42 2.01
C ILE A 332 -1.90 -2.46 1.47
N VAL A 333 -2.00 -1.20 1.87
CA VAL A 333 -1.15 -0.16 1.34
C VAL A 333 0.08 0.02 2.22
N ARG A 334 1.25 -0.25 1.66
CA ARG A 334 2.50 -0.09 2.36
C ARG A 334 3.05 1.35 2.31
N SER A 335 2.63 2.11 1.31
CA SER A 335 3.16 3.44 1.14
C SER A 335 2.02 4.43 0.91
N LEU A 336 1.89 5.42 1.78
CA LEU A 336 0.81 6.41 1.64
C LEU A 336 0.82 7.17 0.32
N PRO A 337 2.01 7.56 -0.19
CA PRO A 337 2.00 8.18 -1.52
C PRO A 337 1.35 7.35 -2.63
N SER A 338 1.28 6.04 -2.46
CA SER A 338 0.72 5.15 -3.50
C SER A 338 -0.76 5.38 -3.72
N VAL A 339 -1.46 5.90 -2.70
CA VAL A 339 -2.89 6.07 -2.83
C VAL A 339 -3.21 7.16 -3.85
N GLU A 340 -2.30 8.13 -3.97
CA GLU A 340 -2.48 9.16 -4.99
C GLU A 340 -2.14 8.59 -6.35
N THR A 341 -1.09 7.77 -6.40
CA THR A 341 -0.62 7.21 -7.66
C THR A 341 -1.61 6.21 -8.18
N LEU A 342 -2.27 5.54 -7.25
CA LEU A 342 -3.16 4.44 -7.58
C LEU A 342 -4.27 4.91 -8.48
N GLY A 343 -4.77 6.11 -8.22
CA GLY A 343 -5.89 6.66 -8.98
C GLY A 343 -5.51 7.00 -10.40
N CYS A 344 -4.21 7.21 -10.62
CA CYS A 344 -3.67 7.58 -11.94
C CYS A 344 -3.28 6.35 -12.78
N THR A 345 -3.59 5.17 -12.31
CA THR A 345 -3.13 3.97 -12.95
C THR A 345 -3.72 3.89 -14.34
N SER A 346 -2.85 3.80 -15.34
CA SER A 346 -3.35 3.60 -16.73
C SER A 346 -3.14 2.20 -17.27
N VAL A 347 -2.22 1.46 -16.66
CA VAL A 347 -2.01 0.05 -17.11
C VAL A 347 -1.89 -0.85 -15.90
N ILE A 348 -2.62 -1.94 -15.86
CA ILE A 348 -2.38 -3.02 -14.87
C ILE A 348 -1.73 -4.23 -15.55
N CYS A 349 -0.48 -4.55 -15.20
CA CYS A 349 0.11 -5.82 -15.63
C CYS A 349 -0.12 -6.87 -14.53
N SER A 350 -0.96 -7.85 -14.83
CA SER A 350 -1.33 -8.85 -13.85
C SER A 350 -0.80 -10.24 -14.17
N ASP A 351 -0.14 -10.87 -13.22
CA ASP A 351 0.13 -12.31 -13.29
C ASP A 351 -1.17 -13.10 -13.41
N LYS A 352 -1.08 -14.22 -14.06
CA LYS A 352 -2.24 -15.10 -14.30
C LYS A 352 -2.49 -16.03 -13.09
N THR A 353 -1.50 -16.88 -12.76
CA THR A 353 -1.81 -18.01 -11.87
C THR A 353 -2.04 -17.59 -10.40
N GLY A 354 -3.26 -17.81 -9.95
CA GLY A 354 -3.69 -17.29 -8.67
C GLY A 354 -4.17 -15.87 -8.52
N THR A 355 -4.02 -15.07 -9.57
CA THR A 355 -4.44 -13.67 -9.51
C THR A 355 -5.67 -13.45 -10.38
N LEU A 356 -5.57 -13.81 -11.65
CA LEU A 356 -6.72 -13.95 -12.51
C LEU A 356 -7.44 -15.32 -12.35
N THR A 357 -6.67 -16.36 -12.08
CA THR A 357 -7.28 -17.66 -11.76
C THR A 357 -7.39 -17.88 -10.24
N THR A 358 -8.09 -18.95 -9.83
CA THR A 358 -8.45 -19.12 -8.39
C THR A 358 -7.37 -19.82 -7.65
N ASN A 359 -6.39 -20.36 -8.40
CA ASN A 359 -5.30 -21.19 -7.84
C ASN A 359 -5.83 -22.48 -7.13
N GLN A 360 -7.06 -22.93 -7.41
CA GLN A 360 -7.52 -24.19 -6.94
C GLN A 360 -7.34 -25.21 -8.05
N MET A 361 -6.27 -25.97 -7.95
CA MET A 361 -5.83 -26.81 -9.05
C MET A 361 -6.17 -28.29 -8.85
N SER A 362 -6.53 -28.93 -9.94
CA SER A 362 -6.77 -30.33 -9.91
C SER A 362 -6.43 -30.97 -11.23
N VAL A 363 -5.74 -32.11 -11.19
CA VAL A 363 -5.40 -32.78 -12.42
C VAL A 363 -6.61 -33.51 -12.91
N CYS A 364 -7.14 -33.12 -14.07
CA CYS A 364 -8.28 -33.87 -14.66
C CYS A 364 -7.90 -34.68 -15.88
N ARG A 365 -6.68 -34.52 -16.40
CA ARG A 365 -6.30 -35.24 -17.64
C ARG A 365 -4.86 -35.67 -17.59
N MET A 366 -4.55 -36.78 -18.22
CA MET A 366 -3.16 -37.26 -18.32
C MET A 366 -3.05 -38.24 -19.43
N PHE A 367 -1.85 -38.39 -19.99
CA PHE A 367 -1.72 -39.44 -20.99
C PHE A 367 -0.33 -39.99 -20.95
N ILE A 368 -0.18 -41.19 -21.50
CA ILE A 368 1.11 -41.83 -21.68
C ILE A 368 1.15 -42.44 -23.06
N LEU A 369 2.29 -43.00 -23.46
CA LEU A 369 2.35 -43.71 -24.74
C LEU A 369 1.61 -45.06 -24.67
N ASP A 370 0.99 -45.42 -25.77
CA ASP A 370 0.34 -46.72 -25.96
C ASP A 370 1.12 -47.56 -26.95
N ARG A 371 1.14 -47.15 -28.22
CA ARG A 371 1.90 -47.87 -29.24
C ARG A 371 2.69 -46.89 -30.09
N VAL A 372 3.80 -47.34 -30.65
CA VAL A 372 4.52 -46.55 -31.62
C VAL A 372 4.45 -47.22 -32.97
N GLU A 373 3.62 -46.68 -33.86
CA GLU A 373 3.49 -47.32 -35.16
C GLU A 373 4.39 -46.56 -36.10
N GLY A 374 5.60 -47.10 -36.30
CA GLY A 374 6.57 -46.39 -37.10
C GLY A 374 6.78 -44.97 -36.61
N ASP A 375 6.48 -44.04 -37.53
CA ASP A 375 6.59 -42.61 -37.28
C ASP A 375 5.38 -42.03 -36.54
N THR A 376 4.29 -42.79 -36.45
CA THR A 376 3.13 -42.33 -35.71
C THR A 376 3.03 -43.03 -34.34
N CYS A 377 2.05 -42.64 -33.54
CA CYS A 377 1.86 -43.28 -32.25
C CYS A 377 0.47 -43.10 -31.74
N SER A 378 0.08 -43.97 -30.82
CA SER A 378 -1.19 -43.80 -30.13
C SER A 378 -0.91 -43.53 -28.65
N LEU A 379 -1.84 -42.86 -27.99
CA LEU A 379 -1.69 -42.57 -26.58
C LEU A 379 -2.79 -43.29 -25.72
N ASN A 380 -2.45 -43.58 -24.46
CA ASN A 380 -3.48 -43.89 -23.50
C ASN A 380 -3.86 -42.60 -22.76
N GLU A 381 -5.05 -42.08 -23.06
CA GLU A 381 -5.52 -40.86 -22.39
C GLU A 381 -6.47 -41.18 -21.26
N PHE A 382 -6.36 -40.43 -20.17
CA PHE A 382 -7.20 -40.66 -19.02
C PHE A 382 -7.80 -39.39 -18.53
N THR A 383 -8.95 -39.51 -17.87
CA THR A 383 -9.56 -38.38 -17.18
C THR A 383 -9.52 -38.74 -15.70
N ILE A 384 -9.62 -37.71 -14.85
CA ILE A 384 -9.59 -37.92 -13.41
C ILE A 384 -10.60 -37.00 -12.76
N THR A 385 -11.46 -37.54 -11.90
CA THR A 385 -12.48 -36.71 -11.30
C THR A 385 -12.02 -36.12 -9.96
N GLY A 386 -12.82 -35.21 -9.44
CA GLY A 386 -12.70 -34.50 -8.17
C GLY A 386 -11.83 -33.30 -8.39
N SER A 387 -12.33 -32.12 -8.00
CA SER A 387 -11.65 -30.87 -8.37
C SER A 387 -10.98 -30.15 -7.16
N THR A 388 -11.24 -30.65 -5.97
CA THR A 388 -10.67 -30.05 -4.77
C THR A 388 -9.30 -30.70 -4.48
N TYR A 389 -8.74 -30.43 -3.32
CA TYR A 389 -7.50 -31.10 -3.00
C TYR A 389 -7.77 -32.39 -2.26
N ALA A 390 -9.04 -32.78 -2.11
CA ALA A 390 -9.35 -34.05 -1.47
C ALA A 390 -8.80 -35.20 -2.30
N PRO A 391 -8.13 -36.15 -1.65
CA PRO A 391 -7.54 -37.29 -2.37
C PRO A 391 -8.57 -38.34 -2.71
N ILE A 392 -9.70 -37.92 -3.26
CA ILE A 392 -10.79 -38.80 -3.57
C ILE A 392 -11.31 -38.56 -4.97
N GLY A 393 -11.19 -39.56 -5.85
CA GLY A 393 -11.74 -39.49 -7.18
C GLY A 393 -11.39 -40.69 -7.98
N GLU A 394 -11.93 -40.76 -9.17
CA GLU A 394 -11.74 -41.95 -10.00
C GLU A 394 -10.94 -41.62 -11.25
N VAL A 395 -10.20 -42.59 -11.74
CA VAL A 395 -9.49 -42.46 -12.99
C VAL A 395 -10.22 -43.26 -14.07
N HIS A 396 -10.52 -42.60 -15.20
CA HIS A 396 -11.23 -43.26 -16.31
C HIS A 396 -10.42 -43.26 -17.62
N LYS A 397 -10.68 -44.26 -18.46
CA LYS A 397 -10.22 -44.26 -19.84
C LYS A 397 -11.41 -44.54 -20.71
N ASP A 398 -11.75 -43.59 -21.56
CA ASP A 398 -12.98 -43.65 -22.35
C ASP A 398 -14.16 -43.77 -21.43
N ASP A 399 -14.11 -43.02 -20.32
CA ASP A 399 -15.20 -42.94 -19.32
C ASP A 399 -15.41 -44.26 -18.52
N LYS A 400 -14.62 -45.27 -18.84
CA LYS A 400 -14.61 -46.52 -18.09
C LYS A 400 -13.50 -46.51 -17.02
N PRO A 401 -13.85 -46.89 -15.77
CA PRO A 401 -12.85 -46.95 -14.69
C PRO A 401 -11.76 -47.99 -14.98
N VAL A 402 -10.53 -47.68 -14.51
CA VAL A 402 -9.37 -48.48 -14.87
C VAL A 402 -8.52 -48.77 -13.66
N ASN A 403 -7.73 -49.83 -13.75
CA ASN A 403 -6.73 -50.12 -12.75
C ASN A 403 -5.41 -49.51 -13.21
N CYS A 404 -4.98 -48.45 -12.53
CA CYS A 404 -3.78 -47.75 -12.95
C CYS A 404 -2.54 -48.62 -12.87
N HIS A 405 -2.48 -49.55 -11.90
CA HIS A 405 -1.29 -50.40 -11.73
C HIS A 405 -0.93 -51.23 -12.95
N GLN A 406 -1.94 -51.56 -13.73
CA GLN A 406 -1.78 -52.32 -14.99
C GLN A 406 -0.85 -51.62 -15.98
N TYR A 407 -0.89 -50.29 -16.02
CA TYR A 407 -0.05 -49.55 -16.94
C TYR A 407 1.30 -49.18 -16.32
N ASP A 408 2.39 -49.72 -16.84
CA ASP A 408 3.70 -49.37 -16.36
C ASP A 408 4.03 -47.88 -16.49
N GLY A 409 3.50 -47.26 -17.54
CA GLY A 409 3.67 -45.82 -17.73
C GLY A 409 2.96 -44.96 -16.66
N LEU A 410 1.76 -45.38 -16.23
CA LEU A 410 1.10 -44.72 -15.12
C LEU A 410 1.83 -44.92 -13.78
N VAL A 411 2.46 -46.06 -13.59
CA VAL A 411 3.22 -46.27 -12.37
C VAL A 411 4.43 -45.29 -12.35
N GLU A 412 5.09 -45.15 -13.50
CA GLU A 412 6.16 -44.20 -13.59
C GLU A 412 5.65 -42.76 -13.48
N LEU A 413 4.52 -42.48 -14.14
CA LEU A 413 3.89 -41.16 -14.05
C LEU A 413 3.64 -40.74 -12.62
N ALA A 414 3.00 -41.60 -11.85
CA ALA A 414 2.69 -41.30 -10.50
C ALA A 414 4.00 -41.17 -9.65
N THR A 415 4.99 -42.03 -9.92
CA THR A 415 6.28 -41.95 -9.27
C THR A 415 6.92 -40.60 -9.47
N ILE A 416 6.99 -40.12 -10.71
CA ILE A 416 7.52 -38.74 -10.99
C ILE A 416 6.72 -37.66 -10.22
N CYS A 417 5.42 -37.77 -10.24
CA CYS A 417 4.61 -36.81 -9.52
C CYS A 417 4.79 -36.84 -8.03
N ALA A 418 5.00 -38.02 -7.47
CA ALA A 418 5.20 -38.17 -6.02
C ALA A 418 6.57 -37.63 -5.62
N LEU A 419 7.59 -37.94 -6.41
CA LEU A 419 9.00 -37.60 -6.10
C LEU A 419 9.44 -36.20 -6.53
N CYS A 420 9.01 -35.74 -7.69
CA CYS A 420 9.55 -34.42 -8.09
C CYS A 420 8.54 -33.40 -7.62
N ASN A 421 8.60 -33.15 -6.30
CA ASN A 421 7.50 -32.50 -5.61
C ASN A 421 8.00 -32.06 -4.27
N ASP A 422 7.73 -30.81 -3.90
CA ASP A 422 8.01 -30.37 -2.54
C ASP A 422 6.78 -30.18 -1.67
N SER A 423 5.63 -30.62 -2.15
CA SER A 423 4.37 -30.27 -1.49
C SER A 423 3.72 -31.47 -0.80
N ALA A 424 2.62 -31.20 -0.15
CA ALA A 424 1.90 -32.23 0.54
C ALA A 424 0.43 -31.85 0.69
N LEU A 425 -0.39 -32.85 1.02
CA LEU A 425 -1.77 -32.61 1.47
C LEU A 425 -1.87 -32.63 2.98
N ASP A 426 -2.70 -31.74 3.50
CA ASP A 426 -2.95 -31.73 4.92
C ASP A 426 -4.46 -31.68 5.19
N TYR A 427 -4.94 -32.63 6.01
CA TYR A 427 -6.36 -32.65 6.32
C TYR A 427 -6.63 -31.76 7.50
N ASN A 428 -7.50 -30.77 7.33
CA ASN A 428 -7.83 -29.83 8.39
C ASN A 428 -9.02 -30.44 9.13
N GLU A 429 -8.77 -30.90 10.35
CA GLU A 429 -9.81 -31.59 11.10
C GLU A 429 -10.87 -30.61 11.56
N ALA A 430 -10.43 -29.40 11.89
CA ALA A 430 -11.35 -28.35 12.29
C ALA A 430 -12.32 -28.00 11.15
N LYS A 431 -11.78 -27.70 9.99
CA LYS A 431 -12.62 -27.28 8.86
C LYS A 431 -13.16 -28.45 8.04
N GLY A 432 -12.68 -29.66 8.33
CA GLY A 432 -13.12 -30.87 7.62
C GLY A 432 -12.80 -30.89 6.12
N VAL A 433 -11.75 -30.19 5.71
CA VAL A 433 -11.36 -30.19 4.32
C VAL A 433 -9.85 -30.51 4.17
N TYR A 434 -9.45 -30.97 2.99
CA TYR A 434 -8.05 -31.15 2.71
C TYR A 434 -7.45 -29.82 2.21
N GLU A 435 -6.31 -29.42 2.76
CA GLU A 435 -5.68 -28.20 2.34
C GLU A 435 -4.31 -28.50 1.75
N LYS A 436 -3.77 -27.55 0.99
CA LYS A 436 -2.45 -27.72 0.37
C LYS A 436 -1.31 -27.17 1.24
N VAL A 437 -0.20 -27.87 1.22
CA VAL A 437 1.03 -27.35 1.77
C VAL A 437 2.04 -27.18 0.65
N GLY A 438 2.40 -25.96 0.33
CA GLY A 438 3.26 -25.72 -0.83
C GLY A 438 2.52 -25.18 -2.03
N GLU A 439 3.17 -25.26 -3.20
CA GLU A 439 2.57 -24.82 -4.45
C GLU A 439 1.27 -25.62 -4.79
N ALA A 440 0.27 -24.91 -5.29
CA ALA A 440 -0.96 -25.52 -5.87
C ALA A 440 -0.67 -26.51 -6.99
N THR A 441 0.21 -26.16 -7.91
CA THR A 441 0.56 -27.05 -9.03
C THR A 441 1.09 -28.38 -8.56
N GLU A 442 1.99 -28.35 -7.57
CA GLU A 442 2.57 -29.57 -7.06
C GLU A 442 1.54 -30.36 -6.26
N THR A 443 0.70 -29.65 -5.52
CA THR A 443 -0.23 -30.36 -4.62
C THR A 443 -1.26 -31.12 -5.45
N ALA A 444 -1.60 -30.58 -6.61
CA ALA A 444 -2.45 -31.28 -7.53
C ALA A 444 -1.83 -32.62 -7.93
N LEU A 445 -0.54 -32.62 -8.14
CA LEU A 445 0.18 -33.84 -8.43
C LEU A 445 0.12 -34.80 -7.21
N THR A 446 0.20 -34.25 -6.00
CA THR A 446 0.16 -35.06 -4.82
C THR A 446 -1.20 -35.72 -4.78
N CYS A 447 -2.24 -34.91 -4.95
CA CYS A 447 -3.63 -35.38 -4.89
C CYS A 447 -3.91 -36.42 -6.00
N LEU A 448 -3.30 -36.24 -7.15
CA LEU A 448 -3.39 -37.22 -8.22
C LEU A 448 -2.81 -38.57 -7.88
N VAL A 449 -1.64 -38.59 -7.25
CA VAL A 449 -1.02 -39.83 -6.84
C VAL A 449 -1.94 -40.70 -5.90
N GLU A 450 -2.66 -40.05 -5.00
CA GLU A 450 -3.54 -40.78 -4.12
C GLU A 450 -4.66 -41.41 -4.91
N LYS A 451 -5.16 -40.70 -5.93
CA LYS A 451 -6.31 -41.24 -6.68
C LYS A 451 -5.83 -42.39 -7.58
N MET A 452 -4.60 -42.28 -8.05
CA MET A 452 -4.08 -43.32 -8.95
C MET A 452 -3.79 -44.64 -8.25
N ASN A 453 -3.23 -44.54 -7.03
CA ASN A 453 -2.93 -45.68 -6.22
C ASN A 453 -2.26 -46.79 -7.04
N VAL A 454 -1.18 -46.47 -7.68
CA VAL A 454 -0.61 -47.35 -8.65
C VAL A 454 -0.02 -48.66 -8.13
N PHE A 455 0.16 -48.77 -6.82
CA PHE A 455 0.55 -50.06 -6.19
C PHE A 455 -0.62 -50.83 -5.55
N ASP A 456 -1.87 -50.38 -5.76
CA ASP A 456 -3.06 -51.09 -5.21
C ASP A 456 -2.97 -51.22 -3.69
N THR A 457 -2.53 -50.17 -3.06
CA THR A 457 -2.47 -50.10 -1.62
C THR A 457 -3.87 -50.09 -0.97
N GLU A 458 -4.03 -50.84 0.11
CA GLU A 458 -5.31 -50.86 0.80
C GLU A 458 -5.55 -49.52 1.49
N LEU A 459 -6.60 -48.81 1.07
CA LEU A 459 -6.94 -47.54 1.71
C LEU A 459 -8.13 -47.60 2.65
N LYS A 460 -8.88 -48.71 2.63
CA LYS A 460 -10.08 -48.82 3.47
C LYS A 460 -9.66 -48.99 4.91
N GLY A 461 -10.15 -48.12 5.78
CA GLY A 461 -9.81 -48.19 7.19
C GLY A 461 -8.77 -47.18 7.65
N LEU A 462 -8.32 -46.33 6.74
CA LEU A 462 -7.40 -45.29 7.11
C LEU A 462 -8.18 -44.02 7.48
N SER A 463 -7.65 -43.27 8.44
CA SER A 463 -8.23 -41.96 8.79
C SER A 463 -8.05 -40.95 7.70
N LYS A 464 -8.79 -39.86 7.78
CA LYS A 464 -8.69 -38.75 6.83
C LYS A 464 -7.28 -38.22 6.74
N ILE A 465 -6.59 -38.18 7.90
CA ILE A 465 -5.20 -37.74 7.98
C ILE A 465 -4.23 -38.68 7.23
N GLU A 466 -4.46 -39.99 7.35
CA GLU A 466 -3.61 -40.97 6.69
C GLU A 466 -3.83 -40.99 5.20
N ARG A 467 -5.02 -40.64 4.75
CA ARG A 467 -5.36 -40.74 3.34
C ARG A 467 -4.71 -39.62 2.55
N ALA A 468 -4.15 -38.67 3.29
CA ALA A 468 -3.60 -37.51 2.68
C ALA A 468 -2.31 -37.85 1.88
N ASN A 469 -1.37 -38.55 2.49
CA ASN A 469 -0.12 -38.96 1.86
C ASN A 469 0.05 -40.45 1.57
N ALA A 470 -0.98 -41.26 1.78
CA ALA A 470 -0.77 -42.73 1.87
C ALA A 470 -0.04 -43.33 0.66
N CYS A 471 -0.57 -43.15 -0.54
CA CYS A 471 0.07 -43.67 -1.76
C CYS A 471 1.37 -42.98 -2.06
N ASN A 472 1.44 -41.69 -1.77
CA ASN A 472 2.70 -40.97 -1.87
C ASN A 472 3.75 -41.60 -0.97
N SER A 473 3.36 -42.00 0.24
CA SER A 473 4.30 -42.63 1.14
C SER A 473 4.86 -43.92 0.57
N VAL A 474 4.03 -44.72 -0.08
CA VAL A 474 4.43 -46.00 -0.59
C VAL A 474 5.53 -45.85 -1.62
N ILE A 475 5.33 -44.96 -2.59
CA ILE A 475 6.33 -44.62 -3.58
C ILE A 475 7.63 -44.12 -2.93
N LYS A 476 7.53 -43.35 -1.85
CA LYS A 476 8.72 -42.87 -1.15
C LYS A 476 9.43 -43.99 -0.40
N GLN A 477 8.73 -45.05 -0.08
CA GLN A 477 9.35 -46.19 0.61
C GLN A 477 10.20 -46.98 -0.38
N LEU A 478 9.76 -47.02 -1.62
CA LEU A 478 10.47 -47.77 -2.67
C LEU A 478 11.62 -46.97 -3.27
N MET A 479 11.42 -45.67 -3.43
CA MET A 479 12.36 -44.80 -4.14
C MET A 479 12.72 -43.62 -3.27
N LYS A 480 14.01 -43.40 -3.10
CA LYS A 480 14.47 -42.35 -2.19
C LYS A 480 14.93 -41.11 -2.96
N LYS A 481 14.32 -39.96 -2.69
CA LYS A 481 14.85 -38.70 -3.24
C LYS A 481 16.13 -38.24 -2.49
N GLU A 482 17.26 -38.25 -3.17
CA GLU A 482 18.51 -37.90 -2.58
C GLU A 482 18.77 -36.41 -2.60
N PHE A 483 18.48 -35.79 -3.74
CA PHE A 483 18.58 -34.33 -3.87
C PHE A 483 17.76 -33.87 -5.06
N THR A 484 17.48 -32.59 -5.09
CA THR A 484 16.66 -32.02 -6.15
C THR A 484 17.38 -30.89 -6.90
N LEU A 485 17.17 -30.81 -8.20
CA LEU A 485 17.54 -29.63 -8.93
C LEU A 485 16.33 -28.74 -8.93
N GLU A 486 16.34 -27.70 -8.11
CA GLU A 486 15.15 -26.83 -7.90
C GLU A 486 14.56 -26.21 -9.21
N PHE A 487 13.27 -25.97 -9.17
CA PHE A 487 12.62 -25.26 -10.26
C PHE A 487 13.27 -23.94 -10.49
N SER A 488 13.50 -23.61 -11.76
CA SER A 488 13.91 -22.25 -12.14
C SER A 488 13.06 -21.72 -13.32
N ARG A 489 12.78 -20.43 -13.33
CA ARG A 489 11.94 -19.84 -14.34
C ARG A 489 12.62 -19.71 -15.71
N ASP A 490 13.88 -20.02 -15.81
CA ASP A 490 14.51 -19.95 -17.12
C ASP A 490 14.31 -21.23 -17.91
N ARG A 491 14.49 -22.39 -17.28
CA ARG A 491 14.32 -23.67 -18.02
C ARG A 491 12.90 -24.20 -17.82
N LYS A 492 12.20 -23.62 -16.84
CA LYS A 492 10.80 -23.92 -16.55
C LYS A 492 10.59 -25.45 -16.34
N SER A 493 11.48 -26.05 -15.57
CA SER A 493 11.37 -27.42 -15.24
C SER A 493 12.05 -27.67 -13.90
N MET A 494 11.94 -28.92 -13.42
CA MET A 494 12.43 -29.32 -12.10
C MET A 494 12.77 -30.78 -12.19
N SER A 495 13.79 -31.17 -11.46
CA SER A 495 14.15 -32.59 -11.43
C SER A 495 14.56 -33.00 -10.02
N VAL A 496 14.44 -34.29 -9.73
CA VAL A 496 14.89 -34.83 -8.46
C VAL A 496 15.65 -36.09 -8.71
N TYR A 497 16.76 -36.27 -7.99
CA TYR A 497 17.61 -37.45 -8.19
C TYR A 497 17.16 -38.55 -7.21
N CYS A 498 16.83 -39.71 -7.72
CA CYS A 498 16.26 -40.76 -6.88
C CYS A 498 16.92 -42.11 -7.08
N THR A 499 17.06 -42.85 -5.98
CA THR A 499 17.59 -44.21 -6.00
C THR A 499 16.69 -45.18 -5.22
N PRO A 500 16.50 -46.41 -5.71
CA PRO A 500 15.80 -47.43 -4.92
C PRO A 500 16.48 -47.80 -3.61
N ASN A 501 15.72 -48.08 -2.57
CA ASN A 501 16.34 -48.56 -1.28
C ASN A 501 16.96 -49.93 -1.35
N LYS A 502 16.53 -50.73 -2.31
CA LYS A 502 17.06 -52.11 -2.42
C LYS A 502 18.29 -52.14 -3.32
N PRO A 503 19.44 -52.60 -2.78
CA PRO A 503 20.66 -52.76 -3.60
C PRO A 503 20.40 -53.62 -4.89
N SER A 504 20.74 -53.01 -6.02
CA SER A 504 20.29 -53.43 -7.32
C SER A 504 21.27 -54.19 -8.21
N ARG A 505 22.56 -54.18 -7.88
CA ARG A 505 23.64 -54.74 -8.74
C ARG A 505 23.82 -53.94 -10.06
N THR A 506 22.93 -53.00 -10.35
CA THR A 506 23.03 -52.17 -11.54
C THR A 506 22.71 -50.73 -11.14
N SER A 507 23.12 -49.78 -11.99
CA SER A 507 23.05 -48.35 -11.66
C SER A 507 21.72 -47.94 -11.04
N MET A 508 20.65 -48.08 -11.82
CA MET A 508 19.30 -47.99 -11.30
C MET A 508 18.92 -46.63 -10.61
N SER A 509 19.85 -45.68 -10.46
CA SER A 509 19.48 -44.29 -10.13
C SER A 509 18.85 -43.52 -11.31
N LYS A 510 17.93 -42.64 -11.01
CA LYS A 510 17.15 -41.94 -12.02
C LYS A 510 17.02 -40.50 -11.63
N MET A 511 16.77 -39.66 -12.63
CA MET A 511 16.34 -38.29 -12.38
C MET A 511 14.92 -38.17 -12.89
N PHE A 512 13.99 -37.83 -12.02
CA PHE A 512 12.62 -37.64 -12.43
C PHE A 512 12.36 -36.17 -12.71
N VAL A 513 11.86 -35.86 -13.90
CA VAL A 513 11.72 -34.47 -14.32
C VAL A 513 10.31 -34.05 -14.58
N LYS A 514 9.94 -32.84 -14.14
CA LYS A 514 8.65 -32.25 -14.61
C LYS A 514 8.78 -30.74 -14.97
N GLY A 515 7.99 -30.26 -15.92
CA GLY A 515 8.14 -28.89 -16.39
C GLY A 515 7.18 -28.51 -17.52
N ALA A 516 7.30 -27.28 -17.99
CA ALA A 516 6.58 -26.82 -19.15
C ALA A 516 6.79 -27.80 -20.30
N PRO A 517 5.69 -28.23 -20.95
CA PRO A 517 5.79 -29.34 -21.94
C PRO A 517 6.71 -28.98 -23.10
N GLU A 518 6.76 -27.72 -23.52
CA GLU A 518 7.58 -27.35 -24.69
C GLU A 518 9.06 -27.68 -24.46
N GLY A 519 9.65 -27.16 -23.41
CA GLY A 519 11.05 -27.40 -23.10
C GLY A 519 11.42 -28.79 -22.68
N VAL A 520 10.59 -29.37 -21.82
CA VAL A 520 10.90 -30.74 -21.35
C VAL A 520 10.88 -31.73 -22.51
N ILE A 521 9.82 -31.70 -23.31
CA ILE A 521 9.74 -32.64 -24.43
C ILE A 521 10.88 -32.40 -25.48
N ASP A 522 11.32 -31.15 -25.66
CA ASP A 522 12.47 -30.88 -26.52
C ASP A 522 13.74 -31.56 -26.02
N ARG A 523 13.84 -31.72 -24.72
CA ARG A 523 15.01 -32.36 -24.17
C ARG A 523 14.83 -33.92 -23.98
N CYS A 524 13.77 -34.49 -24.59
CA CYS A 524 13.62 -35.95 -24.58
C CYS A 524 14.10 -36.61 -25.85
N THR A 525 15.17 -37.39 -25.78
CA THR A 525 15.63 -38.18 -26.91
C THR A 525 14.88 -39.50 -27.10
N HIS A 526 14.27 -40.01 -26.01
CA HIS A 526 13.47 -41.25 -26.14
C HIS A 526 12.12 -41.11 -25.53
N ILE A 527 11.24 -42.07 -25.87
CA ILE A 527 9.93 -42.18 -25.21
C ILE A 527 9.81 -43.50 -24.55
N ARG A 528 9.10 -43.52 -23.43
CA ARG A 528 8.81 -44.78 -22.75
C ARG A 528 7.49 -45.30 -23.23
N VAL A 529 7.52 -46.56 -23.66
CA VAL A 529 6.30 -47.30 -24.01
C VAL A 529 6.18 -48.46 -23.02
N GLY A 530 5.20 -48.38 -22.11
CA GLY A 530 5.11 -49.37 -21.05
C GLY A 530 6.40 -49.36 -20.20
N SER A 531 7.10 -50.47 -20.20
CA SER A 531 8.44 -50.50 -19.69
C SER A 531 9.53 -50.41 -20.75
N THR A 532 9.19 -50.42 -22.05
CA THR A 532 10.25 -50.34 -23.06
C THR A 532 10.69 -48.89 -23.30
N LYS A 533 11.79 -48.75 -24.04
CA LYS A 533 12.35 -47.44 -24.34
C LYS A 533 12.77 -47.38 -25.81
N VAL A 534 12.08 -46.55 -26.59
CA VAL A 534 12.42 -46.40 -28.01
C VAL A 534 12.74 -44.95 -28.28
N PRO A 535 13.53 -44.70 -29.34
CA PRO A 535 13.88 -43.31 -29.65
C PRO A 535 12.68 -42.49 -30.06
N MET A 536 12.69 -41.21 -29.69
CA MET A 536 11.61 -40.28 -30.05
C MET A 536 11.73 -39.85 -31.50
N THR A 537 10.67 -40.07 -32.28
CA THR A 537 10.62 -39.59 -33.67
C THR A 537 9.75 -38.35 -33.76
N SER A 538 10.03 -37.52 -34.75
CA SER A 538 9.34 -36.23 -34.86
C SER A 538 7.84 -36.39 -35.07
N GLY A 539 7.44 -37.50 -35.67
CA GLY A 539 6.02 -37.79 -35.84
C GLY A 539 5.34 -38.04 -34.48
N VAL A 540 6.06 -38.73 -33.61
CA VAL A 540 5.60 -38.97 -32.28
C VAL A 540 5.63 -37.68 -31.49
N LYS A 541 6.72 -36.94 -31.62
CA LYS A 541 6.85 -35.67 -30.89
C LYS A 541 5.75 -34.67 -31.30
N GLN A 542 5.30 -34.78 -32.54
CA GLN A 542 4.28 -33.87 -33.03
C GLN A 542 2.93 -34.27 -32.47
N LYS A 543 2.67 -35.59 -32.42
CA LYS A 543 1.46 -36.11 -31.79
C LYS A 543 1.34 -35.62 -30.32
N ILE A 544 2.43 -35.81 -29.55
CA ILE A 544 2.43 -35.46 -28.13
C ILE A 544 2.13 -33.94 -28.00
N MET A 545 2.84 -33.11 -28.72
CA MET A 545 2.60 -31.69 -28.63
C MET A 545 1.20 -31.26 -29.09
N SER A 546 0.63 -31.91 -30.11
CA SER A 546 -0.67 -31.51 -30.57
C SER A 546 -1.71 -31.71 -29.46
N VAL A 547 -1.72 -32.91 -28.83
CA VAL A 547 -2.62 -33.15 -27.75
C VAL A 547 -2.41 -32.15 -26.64
N ILE A 548 -1.14 -31.92 -26.31
CA ILE A 548 -0.81 -30.98 -25.22
C ILE A 548 -1.37 -29.59 -25.56
N ARG A 549 -1.22 -29.19 -26.83
CA ARG A 549 -1.71 -27.90 -27.29
C ARG A 549 -3.24 -27.87 -27.17
N GLU A 550 -3.91 -28.93 -27.63
CA GLU A 550 -5.34 -29.04 -27.47
C GLU A 550 -5.82 -28.92 -25.99
N TRP A 551 -5.18 -29.63 -25.06
CA TRP A 551 -5.55 -29.49 -23.63
C TRP A 551 -5.41 -28.09 -23.11
N GLY A 552 -4.30 -27.44 -23.48
CA GLY A 552 -4.04 -26.10 -22.95
C GLY A 552 -4.91 -24.99 -23.51
N SER A 553 -5.28 -25.11 -24.78
CA SER A 553 -6.02 -24.05 -25.44
C SER A 553 -7.53 -24.26 -25.51
N GLY A 554 -8.01 -25.35 -24.94
CA GLY A 554 -9.44 -25.61 -24.91
C GLY A 554 -10.23 -24.75 -23.94
N SER A 555 -11.48 -25.13 -23.69
CA SER A 555 -12.34 -24.30 -22.86
C SER A 555 -12.01 -24.52 -21.38
N ASP A 556 -11.44 -25.69 -21.06
CA ASP A 556 -11.02 -25.98 -19.75
C ASP A 556 -9.70 -25.21 -19.39
N THR A 557 -8.98 -24.78 -20.44
CA THR A 557 -7.78 -23.98 -20.29
C THR A 557 -6.82 -24.62 -19.28
N LEU A 558 -6.31 -25.78 -19.64
CA LEU A 558 -5.62 -26.62 -18.73
C LEU A 558 -4.20 -26.16 -18.58
N ARG A 559 -3.76 -26.03 -17.32
CA ARG A 559 -2.34 -25.82 -17.04
C ARG A 559 -1.66 -27.17 -17.17
N CYS A 560 -0.72 -27.30 -18.11
CA CYS A 560 -0.14 -28.60 -18.46
C CYS A 560 1.32 -28.76 -17.99
N LEU A 561 1.67 -29.99 -17.68
CA LEU A 561 3.01 -30.35 -17.28
C LEU A 561 3.41 -31.60 -18.10
N ALA A 562 4.67 -31.66 -18.55
CA ALA A 562 5.22 -32.88 -19.09
C ALA A 562 6.12 -33.60 -18.05
N LEU A 563 6.08 -34.92 -18.05
CA LEU A 563 6.83 -35.72 -17.10
C LEU A 563 7.80 -36.65 -17.84
N ALA A 564 9.03 -36.72 -17.36
CA ALA A 564 10.03 -37.52 -18.02
C ALA A 564 11.04 -37.97 -17.01
N THR A 565 11.83 -39.00 -17.36
CA THR A 565 12.88 -39.43 -16.47
C THR A 565 14.21 -39.56 -17.21
N HIS A 566 15.32 -39.26 -16.53
CA HIS A 566 16.65 -39.58 -17.04
C HIS A 566 17.12 -40.96 -16.52
N ASP A 567 17.28 -41.92 -17.43
CA ASP A 567 17.63 -43.29 -17.08
C ASP A 567 19.11 -43.41 -16.72
N ASN A 568 19.92 -42.45 -17.15
CA ASN A 568 21.34 -42.49 -16.86
C ASN A 568 21.88 -41.13 -16.43
N PRO A 569 21.44 -40.67 -15.26
CA PRO A 569 21.94 -39.38 -14.77
C PRO A 569 23.38 -39.42 -14.33
N LEU A 570 24.01 -38.25 -14.26
CA LEU A 570 25.34 -38.12 -13.71
C LEU A 570 25.27 -38.27 -12.20
N ARG A 571 26.39 -38.58 -11.56
CA ARG A 571 26.42 -38.65 -10.11
C ARG A 571 26.42 -37.26 -9.51
N ARG A 572 25.95 -37.16 -8.28
CA ARG A 572 25.90 -35.87 -7.57
C ARG A 572 27.27 -35.15 -7.60
N GLU A 573 28.35 -35.93 -7.56
CA GLU A 573 29.71 -35.40 -7.50
C GLU A 573 30.11 -34.73 -8.83
N GLU A 574 29.38 -35.03 -9.90
CA GLU A 574 29.68 -34.48 -11.21
C GLU A 574 28.81 -33.27 -11.58
N MET A 575 28.01 -32.80 -10.63
CA MET A 575 27.08 -31.70 -10.93
C MET A 575 27.42 -30.48 -10.11
N HIS A 576 27.27 -29.29 -10.73
CA HIS A 576 27.46 -28.09 -9.96
C HIS A 576 26.10 -27.46 -9.60
N LEU A 577 25.71 -27.63 -8.34
CA LEU A 577 24.36 -27.35 -7.89
C LEU A 577 24.20 -25.95 -7.34
N GLU A 578 25.29 -25.18 -7.39
CA GLU A 578 25.29 -23.85 -6.80
C GLU A 578 24.50 -22.85 -7.65
N ASP A 579 24.27 -23.21 -8.92
CA ASP A 579 23.68 -22.33 -9.92
C ASP A 579 22.58 -23.03 -10.73
N SER A 580 21.34 -22.52 -10.67
CA SER A 580 20.26 -23.15 -11.44
C SER A 580 20.52 -23.15 -12.95
N ALA A 581 21.42 -22.29 -13.40
CA ALA A 581 21.69 -22.19 -14.83
C ALA A 581 22.37 -23.46 -15.37
N ASN A 582 22.92 -24.26 -14.48
CA ASN A 582 23.55 -25.48 -14.95
C ASN A 582 22.55 -26.62 -15.12
N PHE A 583 21.36 -26.47 -14.53
CA PHE A 583 20.48 -27.63 -14.36
C PHE A 583 19.91 -28.12 -15.68
N ILE A 584 19.71 -27.22 -16.64
CA ILE A 584 19.10 -27.62 -17.91
C ILE A 584 20.07 -28.52 -18.68
N LYS A 585 21.36 -28.35 -18.40
CA LYS A 585 22.36 -29.18 -19.04
C LYS A 585 22.27 -30.61 -18.51
N TYR A 586 21.94 -30.74 -17.23
CA TYR A 586 21.81 -32.10 -16.64
C TYR A 586 20.46 -32.74 -16.99
N GLU A 587 19.45 -31.94 -17.34
CA GLU A 587 18.22 -32.56 -17.72
C GLU A 587 18.11 -32.63 -19.21
N THR A 588 18.74 -33.66 -19.77
CA THR A 588 18.79 -33.89 -21.20
C THR A 588 18.88 -35.39 -21.44
N ASN A 589 18.83 -35.78 -22.71
CA ASN A 589 18.75 -37.18 -23.05
C ASN A 589 17.67 -37.89 -22.28
N LEU A 590 16.56 -37.19 -22.06
CA LEU A 590 15.46 -37.67 -21.24
C LEU A 590 14.57 -38.69 -21.97
N THR A 591 13.83 -39.49 -21.17
CA THR A 591 12.80 -40.32 -21.70
C THR A 591 11.42 -39.75 -21.35
N PHE A 592 10.65 -39.36 -22.35
CA PHE A 592 9.31 -38.84 -22.13
C PHE A 592 8.39 -39.96 -21.59
N VAL A 593 7.55 -39.61 -20.63
CA VAL A 593 6.73 -40.55 -19.98
C VAL A 593 5.26 -40.17 -20.21
N GLY A 594 4.90 -38.96 -19.87
CA GLY A 594 3.54 -38.55 -20.08
C GLY A 594 3.30 -37.09 -19.74
N CYS A 595 2.04 -36.67 -19.80
CA CYS A 595 1.66 -35.30 -19.48
C CYS A 595 0.47 -35.34 -18.59
N VAL A 596 0.23 -34.26 -17.89
CA VAL A 596 -0.95 -34.07 -17.11
C VAL A 596 -1.47 -32.68 -17.43
N GLY A 597 -2.77 -32.50 -17.29
CA GLY A 597 -3.30 -31.15 -17.32
C GLY A 597 -4.33 -31.01 -16.18
N MET A 598 -4.39 -29.80 -15.63
CA MET A 598 -5.04 -29.55 -14.38
C MET A 598 -5.94 -28.28 -14.46
N LEU A 599 -7.14 -28.35 -13.87
CA LEU A 599 -7.96 -27.19 -13.76
C LEU A 599 -7.29 -26.11 -12.97
N ASP A 600 -7.43 -24.89 -13.42
CA ASP A 600 -7.17 -23.68 -12.64
C ASP A 600 -8.12 -22.60 -13.10
N PRO A 601 -9.40 -22.73 -12.79
CA PRO A 601 -10.40 -21.85 -13.38
C PRO A 601 -10.19 -20.37 -13.09
N PRO A 602 -10.61 -19.52 -14.02
CA PRO A 602 -10.67 -18.07 -13.76
C PRO A 602 -11.53 -17.72 -12.55
N ARG A 603 -11.16 -16.67 -11.84
CA ARG A 603 -12.01 -16.14 -10.80
C ARG A 603 -13.34 -15.58 -11.37
N ILE A 604 -14.39 -15.59 -10.56
CA ILE A 604 -15.74 -15.27 -11.08
C ILE A 604 -15.91 -13.79 -11.39
N GLU A 605 -15.33 -12.92 -10.55
CA GLU A 605 -15.53 -11.49 -10.67
C GLU A 605 -14.52 -10.80 -11.60
N VAL A 606 -13.62 -11.59 -12.20
CA VAL A 606 -12.49 -10.99 -12.91
C VAL A 606 -12.97 -10.42 -14.25
N ALA A 607 -13.89 -11.12 -14.91
CA ALA A 607 -14.43 -10.63 -16.15
C ALA A 607 -15.05 -9.22 -16.01
N SER A 608 -15.87 -9.04 -14.99
CA SER A 608 -16.48 -7.76 -14.72
C SER A 608 -15.45 -6.73 -14.37
N SER A 609 -14.43 -7.13 -13.63
CA SER A 609 -13.36 -6.22 -13.23
C SER A 609 -12.54 -5.76 -14.46
N VAL A 610 -12.33 -6.67 -15.41
CA VAL A 610 -11.70 -6.31 -16.68
C VAL A 610 -12.60 -5.34 -17.48
N LYS A 611 -13.92 -5.57 -17.47
CA LYS A 611 -14.83 -4.60 -18.12
C LYS A 611 -14.73 -3.24 -17.41
N LEU A 612 -14.59 -3.26 -16.11
CA LEU A 612 -14.51 -2.01 -15.40
C LEU A 612 -13.28 -1.22 -15.77
N CYS A 613 -12.17 -1.94 -15.97
CA CYS A 613 -10.92 -1.28 -16.36
C CYS A 613 -11.10 -0.63 -17.72
N ARG A 614 -11.85 -1.29 -18.60
CA ARG A 614 -12.08 -0.73 -19.95
C ARG A 614 -12.89 0.56 -19.86
N GLN A 615 -13.91 0.58 -19.03
CA GLN A 615 -14.67 1.78 -18.80
C GLN A 615 -13.85 2.91 -18.20
N ALA A 616 -12.85 2.57 -17.39
CA ALA A 616 -12.09 3.58 -16.67
C ALA A 616 -10.80 3.97 -17.44
N GLY A 617 -10.67 3.46 -18.67
CA GLY A 617 -9.49 3.76 -19.45
C GLY A 617 -8.21 3.12 -18.97
N ILE A 618 -8.33 1.95 -18.39
CA ILE A 618 -7.17 1.24 -17.86
C ILE A 618 -6.91 0.01 -18.72
N ARG A 619 -5.76 -0.02 -19.36
CA ARG A 619 -5.40 -1.20 -20.13
C ARG A 619 -5.01 -2.34 -19.18
N VAL A 620 -5.37 -3.56 -19.55
CA VAL A 620 -5.02 -4.72 -18.75
C VAL A 620 -4.14 -5.65 -19.55
N ILE A 621 -2.99 -6.03 -19.03
CA ILE A 621 -2.12 -6.97 -19.73
C ILE A 621 -1.87 -8.20 -18.82
N MET A 622 -2.20 -9.37 -19.33
CA MET A 622 -1.85 -10.58 -18.68
C MET A 622 -0.38 -10.89 -18.83
N ILE A 623 0.27 -11.25 -17.71
CA ILE A 623 1.66 -11.67 -17.74
C ILE A 623 1.79 -12.99 -17.06
N THR A 624 2.35 -14.00 -17.73
CA THR A 624 2.48 -15.33 -17.15
C THR A 624 3.65 -16.11 -17.65
N GLY A 625 4.04 -17.10 -16.83
CA GLY A 625 5.07 -18.03 -17.24
C GLY A 625 4.55 -19.20 -17.95
N ASP A 626 3.22 -19.30 -17.95
CA ASP A 626 2.51 -20.46 -18.53
C ASP A 626 2.47 -20.42 -20.06
N ASN A 627 1.98 -21.50 -20.64
CA ASN A 627 1.86 -21.70 -22.05
C ASN A 627 1.00 -20.59 -22.75
N LYS A 628 1.39 -20.21 -23.97
CA LYS A 628 0.70 -19.16 -24.67
C LYS A 628 -0.73 -19.54 -25.05
N GLY A 629 -0.94 -20.81 -25.45
CA GLY A 629 -2.30 -21.35 -25.70
C GLY A 629 -3.20 -21.20 -24.45
N THR A 630 -2.69 -21.63 -23.30
CA THR A 630 -3.40 -21.47 -22.06
C THR A 630 -3.69 -20.02 -21.72
N ALA A 631 -2.66 -19.18 -21.78
CA ALA A 631 -2.78 -17.74 -21.51
C ALA A 631 -3.85 -17.08 -22.38
N VAL A 632 -3.85 -17.38 -23.69
CA VAL A 632 -4.73 -16.67 -24.58
C VAL A 632 -6.16 -17.11 -24.31
N ALA A 633 -6.33 -18.41 -24.13
CA ALA A 633 -7.64 -18.96 -23.85
C ALA A 633 -8.25 -18.33 -22.58
N ILE A 634 -7.44 -18.14 -21.54
CA ILE A 634 -7.98 -17.48 -20.39
C ILE A 634 -8.34 -16.04 -20.66
N CYS A 635 -7.46 -15.40 -21.42
CA CYS A 635 -7.74 -14.03 -21.87
C CYS A 635 -9.11 -13.91 -22.61
N ARG A 636 -9.42 -14.89 -23.42
CA ARG A 636 -10.76 -14.91 -24.03
C ARG A 636 -11.86 -15.16 -22.98
N ARG A 637 -11.67 -16.11 -22.07
CA ARG A 637 -12.73 -16.43 -21.11
C ARG A 637 -13.03 -15.30 -20.16
N ILE A 638 -12.04 -14.49 -19.80
CA ILE A 638 -12.28 -13.31 -18.94
C ILE A 638 -12.44 -11.98 -19.68
N GLY A 639 -12.45 -12.04 -21.01
CA GLY A 639 -12.76 -10.84 -21.82
C GLY A 639 -11.61 -9.87 -22.16
N ILE A 640 -10.37 -10.27 -21.95
CA ILE A 640 -9.25 -9.48 -22.33
C ILE A 640 -9.20 -9.52 -23.84
N PHE A 641 -9.45 -10.69 -24.41
CA PHE A 641 -9.64 -10.85 -25.87
C PHE A 641 -11.10 -11.24 -26.10
N GLY A 642 -11.63 -10.88 -27.25
CA GLY A 642 -12.94 -11.34 -27.67
C GLY A 642 -12.89 -12.79 -28.05
N GLN A 643 -14.06 -13.41 -28.09
CA GLN A 643 -14.14 -14.83 -28.42
C GLN A 643 -13.49 -15.07 -29.81
N ASP A 644 -13.78 -14.20 -30.77
CA ASP A 644 -13.33 -14.40 -32.15
C ASP A 644 -12.16 -13.47 -32.53
N GLU A 645 -11.63 -12.71 -31.57
CA GLU A 645 -10.64 -11.72 -31.82
C GLU A 645 -9.36 -12.37 -32.35
N ASP A 646 -8.78 -11.75 -33.40
CA ASP A 646 -7.41 -12.13 -33.91
C ASP A 646 -6.35 -11.57 -32.95
N VAL A 647 -5.61 -12.49 -32.32
CA VAL A 647 -4.59 -12.14 -31.32
C VAL A 647 -3.13 -12.25 -31.84
N THR A 648 -2.96 -12.51 -33.13
CA THR A 648 -1.66 -12.76 -33.71
C THR A 648 -0.59 -11.70 -33.38
N SER A 649 -0.96 -10.42 -33.41
CA SER A 649 -0.05 -9.39 -32.89
C SER A 649 -0.33 -8.89 -31.46
N LYS A 650 -1.27 -9.51 -30.75
CA LYS A 650 -1.63 -9.06 -29.40
C LYS A 650 -1.16 -9.96 -28.29
N ALA A 651 -0.47 -11.05 -28.66
CA ALA A 651 -0.06 -12.05 -27.66
C ALA A 651 1.31 -12.61 -28.03
N PHE A 652 2.20 -12.71 -27.07
CA PHE A 652 3.60 -13.09 -27.35
C PHE A 652 4.18 -13.90 -26.24
N THR A 653 4.96 -14.89 -26.60
CA THR A 653 5.84 -15.54 -25.63
C THR A 653 7.03 -14.64 -25.41
N GLY A 654 7.71 -14.81 -24.28
CA GLY A 654 8.93 -14.04 -24.00
C GLY A 654 9.93 -14.14 -25.14
N ARG A 655 10.18 -15.37 -25.63
CA ARG A 655 11.10 -15.57 -26.71
C ARG A 655 10.65 -14.82 -27.99
N GLU A 656 9.37 -14.92 -28.34
CA GLU A 656 8.85 -14.21 -29.50
C GLU A 656 9.08 -12.71 -29.36
N PHE A 657 8.79 -12.19 -28.18
CA PHE A 657 8.98 -10.77 -27.92
C PHE A 657 10.48 -10.39 -28.07
N ASP A 658 11.36 -11.25 -27.59
CA ASP A 658 12.79 -11.00 -27.65
C ASP A 658 13.32 -11.02 -29.07
N GLU A 659 12.72 -11.86 -29.89
CA GLU A 659 13.07 -11.97 -31.30
C GLU A 659 12.43 -10.86 -32.20
N LEU A 660 11.55 -10.04 -31.66
CA LEU A 660 10.97 -8.99 -32.43
C LEU A 660 12.00 -7.87 -32.56
N ASN A 661 12.01 -7.23 -33.73
CA ASN A 661 12.67 -5.94 -33.87
C ASN A 661 12.21 -4.87 -32.84
N PRO A 662 13.09 -3.95 -32.48
CA PRO A 662 12.69 -2.91 -31.54
C PRO A 662 11.39 -2.19 -31.89
N SER A 663 11.23 -1.79 -33.15
CA SER A 663 9.94 -1.21 -33.62
C SER A 663 8.73 -2.14 -33.28
N ALA A 664 8.87 -3.43 -33.54
CA ALA A 664 7.82 -4.36 -33.32
C ALA A 664 7.63 -4.59 -31.80
N GLN A 665 8.73 -4.57 -31.03
CA GLN A 665 8.66 -4.66 -29.59
C GLN A 665 7.92 -3.48 -28.99
N ARG A 666 8.11 -2.29 -29.55
CA ARG A 666 7.38 -1.15 -29.12
C ARG A 666 5.91 -1.30 -29.45
N ASP A 667 5.58 -1.79 -30.64
CA ASP A 667 4.19 -2.04 -31.00
C ASP A 667 3.56 -3.05 -30.03
N ALA A 668 4.27 -4.12 -29.71
CA ALA A 668 3.76 -5.12 -28.79
C ALA A 668 3.38 -4.50 -27.45
N CYS A 669 4.24 -3.62 -26.92
CA CYS A 669 3.92 -3.04 -25.62
C CYS A 669 2.84 -2.00 -25.71
N LEU A 670 2.60 -1.52 -26.92
CA LEU A 670 1.46 -0.67 -27.18
C LEU A 670 0.12 -1.43 -27.29
N ASN A 671 0.11 -2.53 -28.03
CA ASN A 671 -1.08 -3.26 -28.35
C ASN A 671 -1.32 -4.62 -27.75
N ALA A 672 -0.31 -5.26 -27.22
CA ALA A 672 -0.45 -6.64 -26.78
C ALA A 672 -1.07 -6.67 -25.38
N ARG A 673 -2.01 -7.61 -25.18
CA ARG A 673 -2.63 -7.80 -23.89
C ARG A 673 -2.20 -9.08 -23.18
N CYS A 674 -1.37 -9.89 -23.81
CA CYS A 674 -0.97 -11.15 -23.21
C CYS A 674 0.50 -11.51 -23.47
N PHE A 675 1.30 -11.64 -22.42
CA PHE A 675 2.68 -12.10 -22.55
C PHE A 675 2.81 -13.43 -21.81
N ALA A 676 3.30 -14.44 -22.52
CA ALA A 676 3.27 -15.81 -21.98
C ALA A 676 4.68 -16.40 -21.99
N ARG A 677 4.90 -17.43 -21.16
CA ARG A 677 6.19 -18.08 -21.03
C ARG A 677 7.31 -17.09 -20.80
N VAL A 678 7.01 -16.07 -20.01
CA VAL A 678 7.96 -15.00 -19.74
C VAL A 678 9.02 -15.44 -18.75
N GLU A 679 10.12 -14.67 -18.71
CA GLU A 679 11.11 -14.71 -17.65
C GLU A 679 11.14 -13.37 -16.90
N PRO A 680 11.69 -13.33 -15.66
CA PRO A 680 11.67 -12.09 -14.85
C PRO A 680 12.28 -10.86 -15.57
N SER A 681 13.19 -11.07 -16.53
CA SER A 681 13.66 -10.01 -17.36
C SER A 681 12.56 -9.32 -18.23
N HIS A 682 11.52 -10.06 -18.60
CA HIS A 682 10.49 -9.46 -19.46
C HIS A 682 9.61 -8.40 -18.76
N LYS A 683 9.23 -8.66 -17.51
CA LYS A 683 8.48 -7.65 -16.78
C LYS A 683 9.23 -6.30 -16.78
N SER A 684 10.50 -6.30 -16.39
CA SER A 684 11.24 -5.03 -16.38
C SER A 684 11.29 -4.40 -17.75
N LYS A 685 11.52 -5.25 -18.76
CA LYS A 685 11.55 -4.76 -20.11
C LYS A 685 10.21 -4.13 -20.52
N ILE A 686 9.11 -4.75 -20.11
CA ILE A 686 7.79 -4.25 -20.43
C ILE A 686 7.54 -2.92 -19.73
N VAL A 687 7.93 -2.83 -18.46
CA VAL A 687 7.74 -1.62 -17.67
C VAL A 687 8.50 -0.48 -18.33
N GLU A 688 9.71 -0.79 -18.79
CA GLU A 688 10.53 0.25 -19.45
C GLU A 688 9.81 0.82 -20.71
N PHE A 689 9.12 -0.04 -21.47
CA PHE A 689 8.42 0.41 -22.64
C PHE A 689 7.22 1.26 -22.25
N LEU A 690 6.48 0.77 -21.27
CA LEU A 690 5.31 1.47 -20.75
C LEU A 690 5.66 2.88 -20.22
N GLN A 691 6.82 3.00 -19.61
CA GLN A 691 7.26 4.29 -19.12
C GLN A 691 7.61 5.20 -20.26
N SER A 692 8.22 4.64 -21.31
CA SER A 692 8.49 5.46 -22.49
C SER A 692 7.20 5.94 -23.18
N PHE A 693 6.06 5.36 -22.84
CA PHE A 693 4.77 5.84 -23.32
C PHE A 693 4.15 6.81 -22.30
N ASP A 694 4.86 7.08 -21.20
CA ASP A 694 4.33 7.88 -20.08
C ASP A 694 3.12 7.25 -19.42
N GLU A 695 3.05 5.94 -19.44
CA GLU A 695 2.00 5.21 -18.77
C GLU A 695 2.29 5.15 -17.27
N ILE A 696 1.24 5.08 -16.47
CA ILE A 696 1.43 4.83 -15.06
C ILE A 696 0.97 3.44 -14.78
N THR A 697 1.95 2.57 -14.46
CA THR A 697 1.77 1.10 -14.59
C THR A 697 1.74 0.45 -13.22
N ALA A 698 0.73 -0.37 -13.03
CA ALA A 698 0.65 -1.26 -11.87
C ALA A 698 1.12 -2.61 -12.30
N MET A 699 2.18 -3.08 -11.67
CA MET A 699 2.74 -4.42 -11.96
C MET A 699 2.68 -5.34 -10.73
N THR A 700 2.31 -6.58 -10.95
CA THR A 700 2.19 -7.57 -9.88
C THR A 700 3.40 -8.47 -9.84
N GLY A 701 3.75 -8.99 -8.67
CA GLY A 701 4.77 -10.03 -8.57
C GLY A 701 4.76 -10.75 -7.23
N ASP A 702 5.21 -11.99 -7.18
CA ASP A 702 5.35 -12.68 -5.91
C ASP A 702 6.75 -13.15 -5.51
N GLY A 703 7.69 -13.12 -6.42
CA GLY A 703 8.93 -13.83 -6.16
C GLY A 703 10.15 -12.92 -5.93
N VAL A 704 11.28 -13.53 -5.53
CA VAL A 704 12.50 -12.69 -5.35
C VAL A 704 12.92 -12.05 -6.67
N ASN A 705 12.67 -12.72 -7.80
CA ASN A 705 13.09 -12.22 -9.09
C ASN A 705 12.13 -11.16 -9.63
N ASP A 706 11.02 -10.95 -8.92
CA ASP A 706 10.08 -9.91 -9.27
C ASP A 706 10.39 -8.56 -8.63
N ALA A 707 11.34 -8.55 -7.68
CA ALA A 707 11.61 -7.33 -6.96
C ALA A 707 12.05 -6.14 -7.88
N PRO A 708 12.97 -6.37 -8.83
CA PRO A 708 13.32 -5.24 -9.71
C PRO A 708 12.12 -4.63 -10.49
N ALA A 709 11.27 -5.45 -11.05
CA ALA A 709 10.12 -4.91 -11.76
C ALA A 709 9.14 -4.26 -10.83
N LEU A 710 8.93 -4.88 -9.67
CA LEU A 710 8.01 -4.29 -8.67
C LEU A 710 8.53 -2.90 -8.20
N LYS A 711 9.86 -2.75 -8.08
CA LYS A 711 10.45 -1.48 -7.72
C LYS A 711 10.37 -0.49 -8.87
N LYS A 712 10.51 -1.01 -10.10
CA LYS A 712 10.62 -0.14 -11.30
C LYS A 712 9.26 0.44 -11.64
N ALA A 713 8.21 -0.37 -11.50
CA ALA A 713 6.85 0.05 -11.80
C ALA A 713 6.37 1.16 -10.85
N GLU A 714 5.41 1.95 -11.28
CA GLU A 714 4.96 3.09 -10.49
C GLU A 714 4.20 2.57 -9.27
N ILE A 715 3.46 1.50 -9.44
CA ILE A 715 2.88 0.82 -8.30
C ILE A 715 3.24 -0.69 -8.40
N GLY A 716 4.21 -1.13 -7.58
CA GLY A 716 4.50 -2.53 -7.42
C GLY A 716 3.40 -3.12 -6.55
N ILE A 717 2.86 -4.27 -6.95
CA ILE A 717 1.82 -4.92 -6.19
C ILE A 717 2.21 -6.35 -5.92
N ALA A 718 2.40 -6.67 -4.65
CA ALA A 718 2.87 -8.05 -4.23
C ALA A 718 1.68 -8.91 -3.75
N MET A 719 1.76 -10.19 -4.03
CA MET A 719 0.77 -11.13 -3.54
C MET A 719 0.93 -11.35 -2.01
N GLY A 720 -0.21 -11.42 -1.31
CA GLY A 720 -0.22 -11.64 0.12
C GLY A 720 0.39 -13.00 0.50
N SER A 721 0.23 -13.98 -0.37
CA SER A 721 0.73 -15.31 -0.16
C SER A 721 2.10 -15.50 -0.72
N GLY A 722 2.67 -14.45 -1.29
CA GLY A 722 3.99 -14.50 -1.90
C GLY A 722 5.14 -14.29 -0.95
N THR A 723 6.33 -14.11 -1.52
CA THR A 723 7.50 -13.89 -0.73
C THR A 723 7.52 -12.54 -0.04
N ALA A 724 8.28 -12.46 1.05
CA ALA A 724 8.44 -11.23 1.80
C ALA A 724 9.31 -10.24 0.98
N VAL A 725 10.29 -10.77 0.27
CA VAL A 725 11.12 -9.99 -0.61
C VAL A 725 10.30 -9.14 -1.61
N ALA A 726 9.31 -9.77 -2.25
CA ALA A 726 8.43 -9.10 -3.18
C ALA A 726 7.61 -8.02 -2.45
N LYS A 727 7.03 -8.38 -1.31
CA LYS A 727 6.26 -7.40 -0.54
C LYS A 727 7.08 -6.14 -0.19
N THR A 728 8.33 -6.32 0.22
CA THR A 728 9.19 -5.20 0.58
C THR A 728 9.46 -4.28 -0.64
N ALA A 729 9.35 -4.85 -1.83
CA ALA A 729 9.68 -4.11 -3.02
C ALA A 729 8.46 -3.44 -3.63
N SER A 730 7.31 -3.59 -2.98
CA SER A 730 6.05 -3.19 -3.58
C SER A 730 5.35 -2.06 -2.77
N GLU A 731 4.46 -1.33 -3.44
CA GLU A 731 3.71 -0.27 -2.79
C GLU A 731 2.39 -0.77 -2.17
N MET A 732 1.94 -1.93 -2.59
CA MET A 732 0.71 -2.47 -2.10
C MET A 732 0.75 -3.99 -2.04
N VAL A 733 -0.03 -4.60 -1.17
CA VAL A 733 -0.10 -6.06 -1.11
C VAL A 733 -1.53 -6.54 -1.28
N LEU A 734 -1.77 -7.49 -2.17
CA LEU A 734 -3.10 -7.99 -2.29
C LEU A 734 -3.31 -9.13 -1.28
N ALA A 735 -4.12 -8.88 -0.27
CA ALA A 735 -4.23 -9.84 0.83
C ALA A 735 -4.80 -11.14 0.33
N ASP A 736 -5.68 -11.05 -0.66
CA ASP A 736 -6.33 -12.21 -1.25
C ASP A 736 -5.71 -12.60 -2.60
N ASP A 737 -4.63 -11.93 -3.01
CA ASP A 737 -4.01 -12.21 -4.31
C ASP A 737 -4.89 -11.85 -5.54
N ASN A 738 -6.14 -11.39 -5.30
CA ASN A 738 -7.14 -11.26 -6.39
C ASN A 738 -6.96 -10.00 -7.28
N PHE A 739 -6.98 -10.21 -8.59
CA PHE A 739 -6.94 -9.11 -9.54
C PHE A 739 -7.99 -8.05 -9.28
N SER A 740 -9.19 -8.50 -8.86
CA SER A 740 -10.27 -7.57 -8.60
C SER A 740 -9.95 -6.58 -7.51
N THR A 741 -9.01 -6.93 -6.66
CA THR A 741 -8.67 -6.09 -5.53
C THR A 741 -7.82 -4.95 -6.06
N ILE A 742 -7.05 -5.24 -7.12
CA ILE A 742 -6.31 -4.17 -7.79
C ILE A 742 -7.30 -3.11 -8.28
N VAL A 743 -8.35 -3.54 -8.95
CA VAL A 743 -9.31 -2.62 -9.53
C VAL A 743 -10.06 -1.87 -8.44
N ALA A 744 -10.37 -2.55 -7.35
CA ALA A 744 -11.08 -1.91 -6.23
C ALA A 744 -10.18 -0.89 -5.52
N ALA A 745 -8.89 -1.20 -5.43
CA ALA A 745 -7.92 -0.25 -4.91
C ALA A 745 -7.76 1.00 -5.81
N VAL A 746 -7.74 0.80 -7.12
CA VAL A 746 -7.68 1.91 -8.04
C VAL A 746 -8.94 2.81 -7.87
N GLU A 747 -10.12 2.20 -7.79
CA GLU A 747 -11.34 2.95 -7.58
C GLU A 747 -11.26 3.74 -6.28
N GLU A 748 -10.73 3.15 -5.23
CA GLU A 748 -10.62 3.86 -3.98
C GLU A 748 -9.63 4.99 -4.06
N GLY A 749 -8.53 4.76 -4.72
CA GLY A 749 -7.52 5.79 -4.92
C GLY A 749 -8.08 6.97 -5.71
N ARG A 750 -8.96 6.67 -6.67
CA ARG A 750 -9.64 7.71 -7.41
C ARG A 750 -10.61 8.48 -6.51
N ALA A 751 -11.29 7.76 -5.62
CA ALA A 751 -12.28 8.35 -4.74
C ALA A 751 -11.64 9.19 -3.62
N ILE A 752 -10.63 8.64 -2.97
CA ILE A 752 -9.96 9.33 -1.87
C ILE A 752 -9.36 10.65 -2.34
N TYR A 753 -8.73 10.66 -3.52
CA TYR A 753 -8.15 11.89 -4.05
C TYR A 753 -9.23 12.91 -4.41
N ASN A 754 -10.36 12.43 -4.89
CA ASN A 754 -11.49 13.32 -5.17
C ASN A 754 -12.00 14.04 -3.91
N ASN A 755 -12.13 13.29 -2.82
CA ASN A 755 -12.53 13.88 -1.56
C ASN A 755 -11.47 14.83 -1.04
N MET A 756 -10.21 14.53 -1.31
CA MET A 756 -9.15 15.45 -0.88
C MET A 756 -9.19 16.77 -1.69
N LYS A 757 -9.56 16.71 -2.96
CA LYS A 757 -9.70 17.92 -3.76
C LYS A 757 -10.78 18.81 -3.15
N GLN A 758 -11.75 18.20 -2.49
CA GLN A 758 -12.85 18.96 -1.93
C GLN A 758 -12.42 19.70 -0.65
N PHE A 759 -11.97 18.98 0.38
CA PHE A 759 -11.63 19.65 1.62
C PHE A 759 -10.35 20.47 1.53
N ILE A 760 -9.61 20.34 0.44
CA ILE A 760 -8.53 21.29 0.18
C ILE A 760 -9.14 22.57 -0.39
N ARG A 761 -10.02 22.43 -1.37
CA ARG A 761 -10.65 23.57 -2.01
C ARG A 761 -11.62 24.22 -1.02
N TYR A 762 -12.02 23.46 -0.01
CA TYR A 762 -12.91 23.98 1.01
C TYR A 762 -12.19 24.74 2.12
N LEU A 763 -11.04 24.23 2.57
CA LEU A 763 -10.33 24.88 3.66
C LEU A 763 -9.58 26.10 3.15
N ILE A 764 -9.05 25.98 1.94
CA ILE A 764 -8.36 27.11 1.30
C ILE A 764 -9.37 28.24 1.03
N SER A 765 -10.57 27.87 0.60
CA SER A 765 -11.60 28.84 0.30
C SER A 765 -11.96 29.67 1.54
N SER A 766 -12.00 29.05 2.70
CA SER A 766 -12.28 29.76 3.95
C SER A 766 -11.12 30.72 4.25
N ASN A 767 -9.91 30.31 3.91
CA ASN A 767 -8.76 31.19 4.09
C ASN A 767 -8.75 32.36 3.12
N VAL A 768 -9.14 32.09 1.87
CA VAL A 768 -9.25 33.13 0.85
C VAL A 768 -10.26 34.18 1.30
N GLY A 769 -11.34 33.73 1.93
CA GLY A 769 -12.35 34.63 2.42
C GLY A 769 -11.89 35.42 3.62
N GLU A 770 -11.11 34.77 4.47
CA GLU A 770 -10.61 35.43 5.68
C GLU A 770 -9.59 36.51 5.33
N VAL A 771 -8.88 36.33 4.23
CA VAL A 771 -7.88 37.31 3.81
C VAL A 771 -8.54 38.56 3.29
N VAL A 772 -9.52 38.42 2.41
CA VAL A 772 -10.24 39.57 1.89
C VAL A 772 -11.14 40.20 2.96
N CYS A 773 -11.40 39.44 4.02
CA CYS A 773 -12.12 40.00 5.16
C CYS A 773 -11.24 40.98 5.92
N ILE A 774 -10.00 40.58 6.16
CA ILE A 774 -9.03 41.42 6.83
C ILE A 774 -8.64 42.59 5.93
N PHE A 775 -8.57 42.34 4.62
CA PHE A 775 -8.28 43.38 3.65
C PHE A 775 -9.42 44.39 3.59
N LEU A 776 -10.64 43.90 3.61
CA LEU A 776 -11.82 44.76 3.59
C LEU A 776 -11.83 45.67 4.81
N THR A 777 -11.43 45.13 5.96
CA THR A 777 -11.40 45.89 7.20
C THR A 777 -10.32 46.98 7.17
N ALA A 778 -9.15 46.65 6.60
CA ALA A 778 -8.05 47.61 6.50
C ALA A 778 -8.35 48.68 5.46
N ALA A 779 -8.89 48.25 4.32
CA ALA A 779 -9.19 49.15 3.22
C ALA A 779 -10.39 50.04 3.50
N LEU A 780 -11.48 49.45 3.99
CA LEU A 780 -12.67 50.22 4.35
C LEU A 780 -12.46 50.87 5.72
N GLY A 781 -11.38 50.51 6.38
CA GLY A 781 -10.96 51.19 7.60
C GLY A 781 -11.63 50.70 8.87
N PHE A 782 -12.69 49.91 8.72
CA PHE A 782 -13.58 49.50 9.81
C PHE A 782 -12.88 48.85 11.00
N PRO A 783 -13.54 48.81 12.18
CA PRO A 783 -12.93 48.14 13.34
C PRO A 783 -12.65 46.67 13.08
N GLU A 784 -12.10 45.99 14.07
CA GLU A 784 -11.68 44.60 13.88
C GLU A 784 -12.89 43.68 13.90
N ALA A 785 -13.15 43.04 12.77
CA ALA A 785 -14.31 42.16 12.63
C ALA A 785 -14.05 40.80 13.26
N LEU A 786 -12.88 40.25 12.98
CA LEU A 786 -12.47 38.96 13.51
C LEU A 786 -11.04 39.04 14.02
N ILE A 787 -10.76 38.29 15.08
CA ILE A 787 -9.44 38.31 15.70
C ILE A 787 -8.79 36.95 15.44
N PRO A 788 -7.45 36.91 15.43
CA PRO A 788 -6.76 35.64 15.10
C PRO A 788 -7.14 34.49 16.03
N VAL A 789 -7.60 34.80 17.23
CA VAL A 789 -8.05 33.77 18.17
C VAL A 789 -9.29 33.06 17.63
N GLN A 790 -10.12 33.81 16.91
CA GLN A 790 -11.34 33.25 16.33
C GLN A 790 -11.04 32.47 15.05
N LEU A 791 -10.09 32.97 14.26
CA LEU A 791 -9.71 32.32 13.01
C LEU A 791 -9.08 30.95 13.26
N LEU A 792 -8.23 30.89 14.30
CA LEU A 792 -7.56 29.65 14.65
C LEU A 792 -8.57 28.59 15.10
N TRP A 793 -9.48 29.00 15.98
CA TRP A 793 -10.49 28.06 16.48
C TRP A 793 -11.43 27.62 15.36
N VAL A 794 -11.67 28.50 14.39
CA VAL A 794 -12.53 28.16 13.26
C VAL A 794 -11.80 27.23 12.30
N ASN A 795 -10.56 27.56 11.97
CA ASN A 795 -9.79 26.74 11.05
C ASN A 795 -9.39 25.39 11.66
N LEU A 796 -9.41 25.29 12.98
CA LEU A 796 -9.18 23.99 13.64
C LEU A 796 -10.40 23.21 14.16
N VAL A 797 -11.55 23.85 14.32
CA VAL A 797 -12.70 23.19 14.92
C VAL A 797 -13.92 23.37 14.03
N THR A 798 -14.30 24.63 13.84
CA THR A 798 -15.40 24.95 12.93
C THR A 798 -15.15 24.40 11.53
N ASP A 799 -13.95 24.61 10.99
CA ASP A 799 -13.62 24.07 9.67
C ASP A 799 -12.96 22.69 9.74
N GLY A 800 -12.53 22.30 10.95
CA GLY A 800 -11.80 21.07 11.12
C GLY A 800 -12.65 19.83 10.91
N LEU A 801 -13.80 19.81 11.57
CA LEU A 801 -14.69 18.66 11.51
C LEU A 801 -15.30 18.42 10.14
N PRO A 802 -15.92 19.45 9.53
CA PRO A 802 -16.50 19.19 8.20
C PRO A 802 -15.46 18.81 7.14
N ALA A 803 -14.23 19.27 7.29
CA ALA A 803 -13.19 18.92 6.33
C ALA A 803 -12.90 17.43 6.40
N THR A 804 -12.80 16.89 7.61
CA THR A 804 -12.53 15.47 7.76
C THR A 804 -13.70 14.64 7.24
N ALA A 805 -14.91 15.06 7.57
CA ALA A 805 -16.10 14.38 7.10
C ALA A 805 -16.22 14.51 5.58
N LEU A 806 -15.57 15.54 5.04
CA LEU A 806 -15.59 15.75 3.60
C LEU A 806 -14.78 14.65 2.91
N GLY A 807 -13.78 14.14 3.63
CA GLY A 807 -12.96 13.05 3.13
C GLY A 807 -13.75 11.76 2.97
N PHE A 808 -14.90 11.68 3.63
CA PHE A 808 -15.79 10.54 3.56
C PHE A 808 -17.01 10.68 2.63
N ASN A 809 -16.99 11.67 1.74
CA ASN A 809 -18.06 11.77 0.73
C ASN A 809 -18.13 10.56 -0.20
N PRO A 810 -19.35 10.16 -0.59
CA PRO A 810 -19.53 9.03 -1.53
C PRO A 810 -18.98 9.34 -2.92
N PRO A 811 -18.38 8.35 -3.58
CA PRO A 811 -17.82 8.58 -4.92
C PRO A 811 -18.89 8.80 -5.95
N ASP A 812 -18.56 9.49 -7.03
CA ASP A 812 -19.49 9.70 -8.13
C ASP A 812 -19.87 8.37 -8.76
N LEU A 813 -21.06 8.33 -9.35
CA LEU A 813 -21.54 7.10 -9.98
C LEU A 813 -20.73 6.77 -11.22
N ASP A 814 -20.15 7.81 -11.82
CA ASP A 814 -19.29 7.67 -13.00
C ASP A 814 -17.77 7.72 -12.70
N ILE A 815 -17.38 7.63 -11.43
CA ILE A 815 -15.96 7.70 -11.06
C ILE A 815 -15.05 6.71 -11.82
N MET A 816 -15.59 5.56 -12.20
CA MET A 816 -14.89 4.59 -13.06
C MET A 816 -15.31 4.66 -14.53
N ASN A 817 -16.09 5.67 -14.89
CA ASN A 817 -16.38 5.94 -16.30
C ASN A 817 -15.50 7.05 -16.89
N LYS A 818 -14.53 7.51 -16.14
CA LYS A 818 -13.61 8.54 -16.62
C LYS A 818 -12.21 7.95 -16.81
N PRO A 819 -11.42 8.54 -17.71
CA PRO A 819 -10.04 8.07 -17.94
C PRO A 819 -9.14 8.26 -16.70
N PRO A 820 -7.98 7.61 -16.68
CA PRO A 820 -7.06 7.84 -15.56
C PRO A 820 -6.70 9.29 -15.42
N ARG A 821 -6.55 9.75 -14.19
CA ARG A 821 -6.15 11.13 -13.93
C ARG A 821 -4.69 11.34 -14.25
N ASN A 822 -4.39 12.44 -14.90
CA ASN A 822 -3.00 12.80 -15.17
C ASN A 822 -2.34 13.19 -13.84
N PRO A 823 -1.14 12.69 -13.59
CA PRO A 823 -0.45 13.11 -12.37
C PRO A 823 -0.10 14.59 -12.36
N LYS A 824 -0.07 15.21 -13.54
CA LYS A 824 0.16 16.65 -13.67
C LYS A 824 -1.14 17.47 -13.60
N GLU A 825 -2.26 16.81 -13.30
CA GLU A 825 -3.54 17.49 -13.17
C GLU A 825 -3.47 18.64 -12.18
N PRO A 826 -3.84 19.84 -12.65
CA PRO A 826 -3.85 21.00 -11.75
C PRO A 826 -4.90 20.82 -10.64
N LEU A 827 -4.52 21.18 -9.42
CA LEU A 827 -5.43 21.03 -8.29
C LEU A 827 -6.62 21.97 -8.44
N ILE A 828 -6.36 23.14 -9.03
CA ILE A 828 -7.41 24.12 -9.32
C ILE A 828 -7.32 24.57 -10.76
N SER A 829 -8.44 24.52 -11.47
CA SER A 829 -8.48 24.92 -12.89
C SER A 829 -8.90 26.38 -13.03
N GLY A 830 -9.04 26.82 -14.28
CA GLY A 830 -9.45 28.17 -14.54
C GLY A 830 -10.80 28.48 -13.96
N TRP A 831 -11.79 27.65 -14.31
CA TRP A 831 -13.13 27.85 -13.79
C TRP A 831 -13.19 27.60 -12.29
N LEU A 832 -12.37 26.67 -11.82
CA LEU A 832 -12.33 26.36 -10.40
C LEU A 832 -11.68 27.51 -9.64
N PHE A 833 -10.82 28.27 -10.30
CA PHE A 833 -10.22 29.44 -9.68
C PHE A 833 -11.27 30.53 -9.51
N PHE A 834 -12.20 30.62 -10.46
CA PHE A 834 -13.31 31.57 -10.36
C PHE A 834 -14.21 31.15 -9.20
N ARG A 835 -14.20 29.87 -8.86
CA ARG A 835 -14.95 29.38 -7.70
C ARG A 835 -14.32 29.89 -6.41
N TYR A 836 -13.01 29.98 -6.39
CA TYR A 836 -12.29 30.55 -5.25
C TYR A 836 -12.73 31.99 -4.99
N LEU A 837 -12.60 32.83 -6.00
CA LEU A 837 -12.89 34.25 -5.86
C LEU A 837 -14.35 34.48 -5.55
N ALA A 838 -15.23 33.76 -6.26
CA ALA A 838 -16.66 33.95 -6.10
C ALA A 838 -17.10 33.63 -4.67
N ILE A 839 -16.48 32.62 -4.08
CA ILE A 839 -16.75 32.28 -2.70
C ILE A 839 -15.92 33.10 -1.71
N GLY A 840 -14.64 33.30 -2.03
CA GLY A 840 -13.74 34.04 -1.15
C GLY A 840 -14.24 35.46 -0.88
N CYS A 841 -14.59 36.16 -1.97
CA CYS A 841 -15.08 37.52 -1.86
C CYS A 841 -16.44 37.57 -1.16
N TYR A 842 -17.19 36.47 -1.24
CA TYR A 842 -18.50 36.44 -0.62
C TYR A 842 -18.38 36.46 0.90
N VAL A 843 -17.66 35.49 1.47
CA VAL A 843 -17.59 35.38 2.93
C VAL A 843 -16.74 36.51 3.51
N GLY A 844 -15.88 37.08 2.67
CA GLY A 844 -15.07 38.22 3.05
C GLY A 844 -15.96 39.43 3.33
N ALA A 845 -16.87 39.70 2.40
CA ALA A 845 -17.81 40.80 2.55
C ALA A 845 -18.91 40.46 3.53
N ALA A 846 -19.32 39.20 3.56
CA ALA A 846 -20.43 38.78 4.42
C ALA A 846 -20.09 38.90 5.91
N THR A 847 -18.81 38.78 6.26
CA THR A 847 -18.39 38.98 7.65
C THR A 847 -18.11 40.44 8.04
N VAL A 848 -17.71 41.26 7.08
CA VAL A 848 -17.44 42.66 7.38
C VAL A 848 -18.75 43.43 7.44
N GLY A 849 -19.67 43.09 6.53
CA GLY A 849 -21.00 43.68 6.53
C GLY A 849 -21.77 43.29 7.78
N ALA A 850 -21.57 42.04 8.23
CA ALA A 850 -22.25 41.54 9.42
C ALA A 850 -21.78 42.26 10.68
N ALA A 851 -20.49 42.59 10.71
CA ALA A 851 -19.93 43.31 11.84
C ALA A 851 -20.30 44.78 11.75
N ALA A 852 -20.54 45.25 10.54
CA ALA A 852 -20.93 46.65 10.32
C ALA A 852 -22.46 46.84 10.27
N TRP A 853 -23.19 45.73 10.28
CA TRP A 853 -24.64 45.80 10.32
C TRP A 853 -25.10 46.12 11.73
N TRP A 854 -24.53 45.45 12.73
CA TRP A 854 -24.92 45.70 14.12
C TRP A 854 -24.52 47.11 14.58
N PHE A 855 -23.63 47.72 13.80
CA PHE A 855 -23.07 49.03 14.11
C PHE A 855 -23.88 50.18 13.52
N ILE A 856 -24.01 50.16 12.20
CA ILE A 856 -24.71 51.20 11.47
C ILE A 856 -26.23 51.13 11.57
N ALA A 857 -26.82 49.97 11.33
CA ALA A 857 -28.28 49.86 11.33
C ALA A 857 -28.75 48.62 12.06
N ALA A 858 -29.59 48.81 13.08
CA ALA A 858 -30.27 47.70 13.75
C ALA A 858 -31.09 48.26 14.88
N ASP A 859 -32.03 47.45 15.36
CA ASP A 859 -32.74 47.85 16.56
C ASP A 859 -32.03 47.18 17.73
N GLY A 860 -31.34 47.99 18.53
CA GLY A 860 -30.43 47.52 19.55
C GLY A 860 -28.93 47.79 19.36
N GLY A 861 -28.53 48.22 18.16
CA GLY A 861 -27.17 48.72 17.95
C GLY A 861 -27.11 50.23 18.04
N PRO A 862 -25.93 50.79 18.37
CA PRO A 862 -25.80 52.25 18.54
C PRO A 862 -26.06 53.15 17.32
N ARG A 863 -26.07 52.59 16.09
CA ARG A 863 -26.38 53.36 14.86
C ARG A 863 -25.38 54.47 14.47
N VAL A 864 -24.10 54.14 14.33
CA VAL A 864 -23.18 55.15 13.82
C VAL A 864 -23.37 55.37 12.32
N SER A 865 -22.49 56.17 11.74
CA SER A 865 -22.52 56.39 10.30
C SER A 865 -21.33 55.69 9.67
N PHE A 866 -21.21 55.78 8.35
CA PHE A 866 -20.08 55.16 7.67
C PHE A 866 -18.78 55.88 8.04
N TYR A 867 -18.82 57.21 7.98
CA TYR A 867 -17.64 58.01 8.22
C TYR A 867 -17.19 57.94 9.67
N GLN A 868 -18.14 57.74 10.57
CA GLN A 868 -17.84 57.59 11.98
C GLN A 868 -17.08 56.29 12.24
N LEU A 869 -17.43 55.26 11.47
CA LEU A 869 -16.80 53.96 11.60
C LEU A 869 -15.48 53.85 10.85
N SER A 870 -15.44 54.37 9.62
CA SER A 870 -14.25 54.29 8.78
C SER A 870 -13.08 54.98 9.46
N HIS A 871 -13.42 56.01 10.21
CA HIS A 871 -12.49 56.80 11.04
C HIS A 871 -12.51 56.50 12.54
N PHE A 872 -13.03 55.34 12.93
CA PHE A 872 -13.21 55.00 14.35
C PHE A 872 -12.01 55.32 15.25
N LEU A 873 -10.82 55.33 14.67
CA LEU A 873 -9.58 55.64 15.39
C LEU A 873 -9.49 57.09 15.84
N GLN A 874 -10.32 57.93 15.24
CA GLN A 874 -10.38 59.36 15.55
C GLN A 874 -11.48 59.65 16.55
N CYS A 875 -12.04 58.59 17.13
CA CYS A 875 -13.13 58.81 18.05
C CYS A 875 -12.46 59.27 19.32
N LYS A 876 -12.61 60.57 19.57
CA LYS A 876 -11.98 61.24 20.68
C LYS A 876 -12.92 62.34 21.06
N GLU A 877 -12.77 62.86 22.27
CA GLU A 877 -13.69 63.88 22.75
C GLU A 877 -13.31 65.27 22.24
N ASP A 878 -12.14 65.38 21.62
CA ASP A 878 -11.73 66.66 21.02
C ASP A 878 -11.99 66.82 19.52
N ASN A 879 -12.29 65.72 18.83
CA ASN A 879 -12.48 65.80 17.38
C ASN A 879 -13.86 66.39 17.08
N PRO A 880 -13.89 67.49 16.29
CA PRO A 880 -15.16 68.17 15.98
C PRO A 880 -16.16 67.25 15.30
N ASP A 881 -15.66 66.33 14.48
CA ASP A 881 -16.52 65.42 13.74
C ASP A 881 -17.04 64.29 14.62
N PHE A 882 -16.31 63.95 15.68
CA PHE A 882 -16.88 62.98 16.59
C PHE A 882 -17.40 63.71 17.81
N GLU A 883 -18.67 64.05 17.71
CA GLU A 883 -19.28 65.03 18.58
C GLU A 883 -20.68 64.52 18.89
N GLY A 884 -20.97 64.34 20.16
CA GLY A 884 -22.23 63.74 20.56
C GLY A 884 -22.25 62.27 20.16
N VAL A 885 -21.10 61.63 20.26
CA VAL A 885 -20.95 60.22 19.95
C VAL A 885 -19.98 59.60 20.95
N ASP A 886 -20.19 58.33 21.30
CA ASP A 886 -19.35 57.64 22.27
C ASP A 886 -18.38 56.70 21.60
N CYS A 887 -17.16 56.64 22.13
CA CYS A 887 -16.12 55.78 21.56
C CYS A 887 -16.05 54.38 22.17
N ALA A 888 -16.78 54.18 23.27
CA ALA A 888 -16.67 52.92 23.98
C ALA A 888 -17.22 51.75 23.16
N ILE A 889 -18.22 52.02 22.33
CA ILE A 889 -18.90 50.95 21.61
C ILE A 889 -18.08 50.41 20.43
N PHE A 890 -17.05 51.16 20.01
CA PHE A 890 -16.23 50.73 18.89
C PHE A 890 -15.52 49.41 19.17
N GLU A 891 -15.30 49.12 20.44
CA GLU A 891 -14.82 47.81 20.83
C GLU A 891 -15.91 47.10 21.62
N SER A 892 -16.55 46.13 20.98
CA SER A 892 -17.66 45.39 21.59
C SER A 892 -17.66 43.96 21.08
N PRO A 893 -18.05 43.01 21.95
CA PRO A 893 -18.12 41.59 21.56
C PRO A 893 -19.29 41.28 20.62
N TYR A 894 -20.26 42.19 20.49
CA TYR A 894 -21.40 41.97 19.61
C TYR A 894 -21.08 41.98 18.09
N PRO A 895 -20.39 43.03 17.58
CA PRO A 895 -20.12 43.00 16.13
C PRO A 895 -19.21 41.85 15.72
N MET A 896 -18.27 41.47 16.59
CA MET A 896 -17.41 40.33 16.31
C MET A 896 -18.20 39.04 16.36
N THR A 897 -19.23 39.01 17.20
CA THR A 897 -20.09 37.83 17.31
C THR A 897 -20.92 37.66 16.04
N MET A 898 -21.36 38.78 15.47
CA MET A 898 -22.09 38.74 14.20
C MET A 898 -21.19 38.22 13.06
N ALA A 899 -19.95 38.72 12.99
CA ALA A 899 -19.03 38.31 11.95
C ALA A 899 -18.64 36.84 12.09
N LEU A 900 -18.38 36.41 13.32
CA LEU A 900 -18.00 35.03 13.58
C LEU A 900 -19.15 34.07 13.30
N SER A 901 -20.35 34.41 13.79
CA SER A 901 -21.51 33.54 13.58
C SER A 901 -21.87 33.46 12.11
N VAL A 902 -21.59 34.52 11.36
CA VAL A 902 -21.78 34.50 9.92
C VAL A 902 -20.70 33.64 9.26
N LEU A 903 -19.45 33.80 9.70
CA LEU A 903 -18.36 32.99 9.19
C LEU A 903 -18.63 31.53 9.44
N VAL A 904 -19.12 31.21 10.63
CA VAL A 904 -19.41 29.82 10.99
C VAL A 904 -20.53 29.26 10.12
N THR A 905 -21.66 29.98 10.07
CA THR A 905 -22.80 29.50 9.28
C THR A 905 -22.46 29.42 7.77
N ILE A 906 -21.56 30.30 7.33
CA ILE A 906 -21.15 30.26 5.94
C ILE A 906 -20.42 28.96 5.64
N GLU A 907 -19.50 28.58 6.52
CA GLU A 907 -18.70 27.38 6.31
C GLU A 907 -19.55 26.12 6.40
N MET A 908 -20.55 26.13 7.28
CA MET A 908 -21.45 24.99 7.37
C MET A 908 -22.27 24.88 6.10
N CYS A 909 -22.53 26.02 5.48
CA CYS A 909 -23.22 26.02 4.19
C CYS A 909 -22.26 25.60 3.07
N ASN A 910 -21.04 26.12 3.12
CA ASN A 910 -20.06 25.81 2.10
C ASN A 910 -19.62 24.36 2.18
N ALA A 911 -19.69 23.78 3.37
CA ALA A 911 -19.36 22.38 3.55
C ALA A 911 -20.39 21.54 2.81
N LEU A 912 -21.65 21.91 2.93
CA LEU A 912 -22.70 21.19 2.23
C LEU A 912 -22.57 21.38 0.72
N ASN A 913 -22.05 22.53 0.31
CA ASN A 913 -21.77 22.74 -1.11
C ASN A 913 -20.67 21.79 -1.58
N SER A 914 -19.73 21.51 -0.69
CA SER A 914 -18.54 20.75 -1.00
C SER A 914 -18.82 19.25 -0.92
N LEU A 915 -20.08 18.90 -0.69
CA LEU A 915 -20.50 17.50 -0.71
C LEU A 915 -20.18 16.87 -2.06
N SER A 916 -20.44 17.62 -3.12
CA SER A 916 -20.01 17.25 -4.47
C SER A 916 -19.33 18.44 -5.13
N GLU A 917 -18.64 18.20 -6.24
CA GLU A 917 -17.94 19.26 -6.94
C GLU A 917 -18.91 20.00 -7.83
N ASN A 918 -19.49 19.31 -8.80
CA ASN A 918 -20.52 19.93 -9.62
C ASN A 918 -21.98 19.50 -9.43
N GLN A 919 -22.26 18.52 -8.57
CA GLN A 919 -23.64 18.04 -8.46
C GLN A 919 -24.46 18.89 -7.49
N SER A 920 -25.63 19.33 -7.94
CA SER A 920 -26.49 20.16 -7.09
C SER A 920 -26.98 19.39 -5.86
N LEU A 921 -27.33 20.12 -4.81
CA LEU A 921 -27.74 19.49 -3.55
C LEU A 921 -29.14 18.87 -3.64
N LEU A 922 -29.96 19.36 -4.57
CA LEU A 922 -31.29 18.81 -4.78
C LEU A 922 -31.21 17.31 -5.05
N ARG A 923 -30.28 16.93 -5.92
CA ARG A 923 -30.04 15.52 -6.19
C ARG A 923 -28.95 14.89 -5.30
N MET A 924 -28.16 15.75 -4.65
CA MET A 924 -27.15 15.28 -3.69
C MET A 924 -27.49 15.86 -2.34
N PRO A 925 -28.54 15.33 -1.70
CA PRO A 925 -29.02 15.90 -0.43
C PRO A 925 -27.92 15.84 0.64
N PRO A 926 -27.99 16.72 1.64
CA PRO A 926 -26.94 16.77 2.68
C PRO A 926 -26.77 15.45 3.44
N TRP A 927 -27.82 14.63 3.48
CA TRP A 927 -27.76 13.36 4.22
C TRP A 927 -27.12 12.26 3.39
N GLU A 928 -26.66 12.61 2.19
CA GLU A 928 -25.93 11.64 1.36
C GLU A 928 -24.64 11.21 2.06
N ASN A 929 -24.03 12.14 2.78
CA ASN A 929 -22.95 11.82 3.70
C ASN A 929 -23.40 12.11 5.13
N ILE A 930 -23.69 11.07 5.89
CA ILE A 930 -24.30 11.25 7.20
C ILE A 930 -23.27 11.83 8.15
N TRP A 931 -22.02 11.36 8.00
CA TRP A 931 -20.93 11.87 8.82
C TRP A 931 -20.73 13.37 8.64
N LEU A 932 -21.11 13.89 7.48
CA LEU A 932 -21.00 15.32 7.22
C LEU A 932 -22.05 16.09 8.01
N VAL A 933 -23.27 15.58 8.03
CA VAL A 933 -24.35 16.23 8.77
C VAL A 933 -24.04 16.24 10.26
N GLY A 934 -23.66 15.07 10.78
CA GLY A 934 -23.25 14.95 12.16
C GLY A 934 -22.04 15.80 12.49
N SER A 935 -21.25 16.11 11.47
CA SER A 935 -20.09 16.97 11.65
C SER A 935 -20.52 18.43 11.84
N ILE A 936 -21.57 18.84 11.15
CA ILE A 936 -22.05 20.21 11.26
C ILE A 936 -22.64 20.46 12.65
N CYS A 937 -23.34 19.46 13.17
CA CYS A 937 -24.00 19.59 14.47
C CYS A 937 -22.98 19.62 15.61
N LEU A 938 -21.96 18.77 15.52
CA LEU A 938 -20.96 18.69 16.57
C LEU A 938 -20.15 19.98 16.61
N SER A 939 -19.94 20.62 15.46
CA SER A 939 -19.21 21.88 15.42
C SER A 939 -20.11 23.05 15.84
N MET A 940 -21.39 22.97 15.46
CA MET A 940 -22.32 24.04 15.83
C MET A 940 -22.59 24.00 17.33
N SER A 941 -22.65 22.80 17.89
CA SER A 941 -22.78 22.64 19.32
C SER A 941 -21.51 23.15 20.00
N LEU A 942 -20.37 22.99 19.32
CA LEU A 942 -19.12 23.55 19.80
C LEU A 942 -19.13 25.07 19.67
N HIS A 943 -19.97 25.58 18.79
CA HIS A 943 -20.15 27.02 18.66
C HIS A 943 -21.19 27.59 19.64
N PHE A 944 -22.11 26.76 20.13
CA PHE A 944 -23.06 27.21 21.13
C PHE A 944 -22.43 27.17 22.51
N LEU A 945 -21.64 26.13 22.76
CA LEU A 945 -20.97 25.97 24.04
C LEU A 945 -19.78 26.93 24.21
N ILE A 946 -19.48 27.71 23.19
CA ILE A 946 -18.41 28.70 23.27
C ILE A 946 -18.97 30.05 23.72
N LEU A 947 -20.27 30.08 23.95
CA LEU A 947 -21.00 31.29 24.32
C LEU A 947 -21.60 31.17 25.72
N TYR A 948 -22.38 30.11 25.93
CA TYR A 948 -23.09 29.88 27.18
C TYR A 948 -22.30 29.14 28.28
N VAL A 949 -21.01 28.89 28.04
CA VAL A 949 -20.16 28.40 29.11
C VAL A 949 -19.17 29.50 29.49
N GLU A 950 -19.41 30.14 30.64
CA GLU A 950 -18.83 31.45 30.97
C GLU A 950 -17.32 31.65 30.69
N PRO A 951 -16.46 30.66 31.02
CA PRO A 951 -15.04 30.89 30.75
C PRO A 951 -14.70 31.05 29.25
N LEU A 952 -15.47 30.43 28.37
CA LEU A 952 -15.16 30.47 26.93
C LEU A 952 -15.39 31.84 26.25
N PRO A 953 -16.59 32.44 26.37
CA PRO A 953 -16.82 33.65 25.57
C PRO A 953 -15.99 34.85 26.00
N LEU A 954 -15.47 34.81 27.23
CA LEU A 954 -14.66 35.91 27.74
C LEU A 954 -13.30 35.96 27.03
N ILE A 955 -12.64 34.81 26.92
CA ILE A 955 -11.33 34.76 26.28
C ILE A 955 -11.44 34.87 24.75
N PHE A 956 -12.63 34.64 24.22
CA PHE A 956 -12.86 34.75 22.78
C PHE A 956 -13.44 36.11 22.37
N GLN A 957 -13.72 36.95 23.35
CA GLN A 957 -14.32 38.27 23.12
C GLN A 957 -15.63 38.20 22.33
N ILE A 958 -16.50 37.29 22.75
CA ILE A 958 -17.81 37.13 22.12
C ILE A 958 -18.91 37.06 23.16
N THR A 959 -20.11 37.45 22.77
CA THR A 959 -21.27 37.37 23.66
C THR A 959 -22.44 36.78 22.89
N PRO A 960 -23.23 35.90 23.54
CA PRO A 960 -24.35 35.31 22.81
C PRO A 960 -25.37 36.37 22.39
N LEU A 961 -25.67 36.43 21.10
CA LEU A 961 -26.53 37.49 20.59
C LEU A 961 -27.98 37.11 20.79
N ASN A 962 -28.88 38.05 20.48
CA ASN A 962 -30.31 37.81 20.65
C ASN A 962 -30.87 36.94 19.52
N VAL A 963 -32.03 36.34 19.77
CA VAL A 963 -32.72 35.53 18.78
C VAL A 963 -33.02 36.33 17.51
N THR A 964 -33.29 37.62 17.68
CA THR A 964 -33.55 38.49 16.54
C THR A 964 -32.29 38.72 15.73
N GLN A 965 -31.17 38.93 16.42
CA GLN A 965 -29.89 39.18 15.76
C GLN A 965 -29.35 37.93 15.08
N TRP A 966 -29.72 36.75 15.59
CA TRP A 966 -29.29 35.48 15.01
C TRP A 966 -29.93 35.25 13.64
N LEU A 967 -31.13 35.80 13.44
CA LEU A 967 -31.84 35.65 12.18
C LEU A 967 -31.13 36.40 11.05
N MET A 968 -30.44 37.49 11.39
CA MET A 968 -29.71 38.27 10.38
C MET A 968 -28.52 37.47 9.87
N VAL A 969 -28.01 36.59 10.72
CA VAL A 969 -26.90 35.72 10.33
C VAL A 969 -27.36 34.82 9.19
N LEU A 970 -28.56 34.26 9.32
CA LEU A 970 -29.09 33.36 8.31
C LEU A 970 -29.41 34.07 7.00
N LYS A 971 -29.73 35.36 7.09
CA LYS A 971 -30.13 36.12 5.91
C LYS A 971 -28.96 36.33 4.99
N ILE A 972 -27.75 36.46 5.55
CA ILE A 972 -26.56 36.60 4.72
C ILE A 972 -25.73 35.32 4.51
N SER A 973 -26.10 34.25 5.20
CA SER A 973 -25.32 33.00 5.14
C SER A 973 -25.90 32.05 4.12
N LEU A 974 -27.15 31.64 4.35
CA LEU A 974 -27.87 30.75 3.44
C LEU A 974 -27.75 31.10 1.93
N PRO A 975 -27.81 32.40 1.55
CA PRO A 975 -27.69 32.70 0.12
C PRO A 975 -26.40 32.23 -0.55
N VAL A 976 -25.38 31.86 0.22
CA VAL A 976 -24.16 31.34 -0.39
C VAL A 976 -24.45 30.01 -1.05
N ILE A 977 -25.49 29.32 -0.58
CA ILE A 977 -25.90 28.07 -1.20
C ILE A 977 -26.43 28.34 -2.60
N LEU A 978 -27.17 29.45 -2.73
CA LEU A 978 -27.75 29.83 -4.02
C LEU A 978 -26.68 30.23 -5.02
N MET A 979 -25.65 30.94 -4.55
CA MET A 979 -24.60 31.39 -5.45
C MET A 979 -23.79 30.22 -5.96
N ASP A 980 -23.44 29.31 -5.04
CA ASP A 980 -22.65 28.14 -5.40
C ASP A 980 -23.46 27.22 -6.30
N GLU A 981 -24.75 27.10 -6.04
CA GLU A 981 -25.61 26.26 -6.86
C GLU A 981 -25.71 26.80 -8.28
N THR A 982 -25.67 28.13 -8.40
CA THR A 982 -25.67 28.79 -9.71
C THR A 982 -24.35 28.54 -10.42
N LEU A 983 -23.27 28.50 -9.65
CA LEU A 983 -21.95 28.18 -10.16
C LEU A 983 -21.81 26.72 -10.52
N LYS A 984 -22.66 25.88 -9.94
CA LYS A 984 -22.67 24.48 -10.32
C LYS A 984 -23.44 24.33 -11.63
N PHE A 985 -24.61 24.95 -11.68
CA PHE A 985 -25.45 24.91 -12.88
C PHE A 985 -24.70 25.41 -14.10
N VAL A 986 -23.95 26.49 -13.92
CA VAL A 986 -23.25 27.10 -15.04
C VAL A 986 -22.26 26.10 -15.64
N ALA A 987 -21.37 25.50 -14.85
CA ALA A 987 -20.44 24.53 -15.43
C ALA A 987 -21.19 23.36 -16.06
N ARG A 988 -22.08 22.75 -15.27
CA ARG A 988 -22.87 21.61 -15.73
C ARG A 988 -23.50 21.86 -17.09
N ASN A 989 -24.58 22.62 -17.10
CA ASN A 989 -25.38 22.80 -18.30
C ASN A 989 -24.79 23.90 -19.18
N TYR A 990 -23.53 24.28 -18.98
CA TYR A 990 -22.92 25.26 -19.87
C TYR A 990 -21.45 25.02 -20.26
N LEU A 991 -20.60 24.80 -19.27
CA LEU A 991 -19.17 24.62 -19.53
C LEU A 991 -18.87 23.29 -20.21
#